data_7FCQ
#
_entry.id   7FCQ
#
_cell.length_a   132.321
_cell.length_b   68.443
_cell.length_c   94.206
_cell.angle_alpha   90.000
_cell.angle_beta   115.850
_cell.angle_gamma   90.000
#
_symmetry.space_group_name_H-M   'C 1 2 1'
#
loop_
_entity.id
_entity.type
_entity.pdbx_description
1 polymer 'Spike protein S1'
2 polymer 'P14-44 antibody Fab fragment heavy chain'
3 polymer 'P14-44 antibody Fab fragment light chain'
4 non-polymer 2-acetamido-2-deoxy-beta-D-glucopyranose
5 non-polymer GLYCEROL
6 water water
#
loop_
_entity_poly.entity_id
_entity_poly.type
_entity_poly.pdbx_seq_one_letter_code
_entity_poly.pdbx_strand_id
1 'polypeptide(L)'
;VDITNLCPFGEVFNATRFASVYAWNRKRISNCVADYSVLYNSASFSTFKCYGVSPTKLNDLCFTNVYADSFVIRGDEVRQ
IAPGQTGKIADYNYKLPDDFTGCVIAWNSNNLDSKVGGNYNYLYRLFRKSNLKPFERDISTEIYQAGSTPCNGVEGFNCY
FPLQSYGFQPTNGVGYQPYRVVVLSFELLHAPATVCGPKSRGS
;
A
2 'polypeptide(L)'
;QVQLVQSGAEVKKPGASVKVSCKASGYIFTSYSMHWVRQAPGQGLEWMGTIKPSDDSTNYAQKFQGRVSMTRDTSTSTVY
MELSSLRYEDTAVYYCAREARGYYDRSGYYHPGYFDYWGQGTLVTVSSASTKGPSVFPLAPSSKSTSGGTAALGCLVKDY
FPEPVTVSWNSGALTSGVHTFPAVLQSSGLYSLSSVVTVPSSSLGTQTYICNVNHKPSNTKVDKKVEPKSCDKTH
;
H
3 'polypeptide(L)'
;QSVLTQPASVSGSPGQSITISCTGTSSDVGGYNFVSWYQQHPGKAPKLMIYEVSDRPSGVSSRFSGSKSGNTASLTISGL
QAEDEADYYCFSYTTSTTWVFGGGTKLTVLGQPKAAPSVTLFPPSSEELQANKATLVCLISDFYPGAVTVAWKADSSPVK
AGVETTTPSKQSNNKYAASSYLSLTPEQWKSHRSYSCQVTHEGSTVEKTVAPTECS
;
L
#
loop_
_chem_comp.id
_chem_comp.type
_chem_comp.name
_chem_comp.formula
GOL non-polymer GLYCEROL 'C3 H8 O3'
NAG D-saccharide, beta linking 2-acetamido-2-deoxy-beta-D-glucopyranose 'C8 H15 N O6'
#
# COMPACT_ATOMS: atom_id res chain seq x y z
N THR A 4 -39.24 -26.50 -24.54
CA THR A 4 -38.13 -25.85 -23.77
C THR A 4 -38.28 -26.03 -22.26
N ASN A 5 -37.39 -26.81 -21.65
CA ASN A 5 -37.30 -26.89 -20.18
C ASN A 5 -36.88 -25.52 -19.63
N LEU A 6 -37.36 -25.15 -18.44
CA LEU A 6 -36.80 -24.02 -17.70
C LEU A 6 -35.46 -24.50 -17.11
N CYS A 7 -34.42 -23.66 -17.11
CA CYS A 7 -33.05 -24.11 -16.74
C CYS A 7 -32.99 -24.63 -15.31
N PRO A 8 -32.15 -25.64 -15.06
CA PRO A 8 -32.13 -26.27 -13.74
C PRO A 8 -31.28 -25.48 -12.74
N PHE A 9 -31.78 -24.32 -12.32
CA PHE A 9 -31.08 -23.49 -11.34
C PHE A 9 -31.27 -24.03 -9.93
N GLY A 10 -32.45 -24.56 -9.63
CA GLY A 10 -32.68 -25.24 -8.35
C GLY A 10 -31.66 -26.35 -8.11
N GLU A 11 -31.33 -27.07 -9.19
CA GLU A 11 -30.34 -28.14 -9.15
C GLU A 11 -29.01 -27.63 -8.60
N VAL A 12 -28.58 -26.44 -9.04
CA VAL A 12 -27.32 -25.84 -8.56
C VAL A 12 -27.51 -25.23 -7.16
N PHE A 13 -28.44 -24.30 -7.02
CA PHE A 13 -28.57 -23.48 -5.79
C PHE A 13 -29.18 -24.20 -4.60
N ASN A 14 -30.07 -25.16 -4.87
CA ASN A 14 -30.69 -25.98 -3.80
C ASN A 14 -30.14 -27.38 -3.66
N ALA A 15 -29.05 -27.69 -4.35
CA ALA A 15 -28.36 -28.94 -4.14
C ALA A 15 -28.16 -29.18 -2.64
N THR A 16 -28.20 -30.44 -2.23
CA THR A 16 -28.19 -30.77 -0.79
C THR A 16 -26.86 -30.45 -0.15
N ARG A 17 -25.81 -30.77 -0.89
CA ARG A 17 -24.45 -30.55 -0.45
C ARG A 17 -23.71 -29.85 -1.58
N PHE A 18 -22.79 -28.99 -1.19
CA PHE A 18 -21.94 -28.29 -2.15
C PHE A 18 -20.55 -28.92 -2.15
N ALA A 19 -19.83 -28.70 -3.24
CA ALA A 19 -18.42 -29.02 -3.31
C ALA A 19 -17.54 -28.24 -2.31
N SER A 20 -16.45 -28.88 -1.93
CA SER A 20 -15.33 -28.20 -1.33
C SER A 20 -14.76 -27.24 -2.38
N VAL A 21 -14.35 -26.07 -1.92
CA VAL A 21 -13.82 -25.06 -2.82
C VAL A 21 -12.62 -25.56 -3.62
N TYR A 22 -11.71 -26.29 -3.00
CA TYR A 22 -10.54 -26.76 -3.74
C TYR A 22 -10.96 -27.71 -4.86
N ALA A 23 -12.10 -28.40 -4.68
CA ALA A 23 -12.64 -29.34 -5.67
C ALA A 23 -13.95 -28.82 -6.19
N TRP A 24 -14.00 -27.51 -6.48
CA TRP A 24 -15.22 -26.85 -6.91
C TRP A 24 -15.98 -27.54 -8.06
N ASN A 25 -17.29 -27.58 -7.93
CA ASN A 25 -18.16 -28.17 -8.92
C ASN A 25 -18.42 -27.20 -10.05
N ARG A 26 -18.51 -27.72 -11.26
CA ARG A 26 -18.99 -26.94 -12.41
C ARG A 26 -20.15 -27.68 -13.04
N LYS A 27 -21.26 -26.97 -13.27
CA LYS A 27 -22.36 -27.51 -14.05
C LYS A 27 -22.49 -26.72 -15.35
N ARG A 28 -22.59 -27.44 -16.46
CA ARG A 28 -22.97 -26.86 -17.75
C ARG A 28 -24.48 -26.78 -17.85
N ILE A 29 -24.98 -25.60 -18.18
CA ILE A 29 -26.41 -25.40 -18.38
C ILE A 29 -26.57 -25.16 -19.87
N SER A 30 -27.64 -25.73 -20.43
CA SER A 30 -27.90 -25.72 -21.87
C SER A 30 -29.34 -26.11 -22.18
N ASN A 31 -29.80 -25.76 -23.39
CA ASN A 31 -31.11 -26.18 -23.93
C ASN A 31 -32.28 -25.90 -22.99
N CYS A 32 -32.35 -24.64 -22.58
CA CYS A 32 -33.34 -24.23 -21.61
C CYS A 32 -33.59 -22.72 -21.65
N VAL A 33 -34.66 -22.32 -20.96
CA VAL A 33 -35.01 -20.92 -20.77
C VAL A 33 -34.69 -20.52 -19.33
N ALA A 34 -34.01 -19.39 -19.18
CA ALA A 34 -33.58 -18.91 -17.88
C ALA A 34 -34.32 -17.64 -17.63
N ASP A 35 -35.14 -17.61 -16.59
CA ASP A 35 -35.62 -16.36 -16.05
C ASP A 35 -34.65 -16.05 -14.90
N TYR A 36 -33.61 -15.30 -15.24
CA TYR A 36 -32.58 -14.92 -14.25
C TYR A 36 -33.16 -14.12 -13.09
N SER A 37 -34.36 -13.55 -13.30
CA SER A 37 -35.15 -12.93 -12.23
C SER A 37 -35.37 -13.79 -11.01
N VAL A 38 -35.49 -15.09 -11.17
CA VAL A 38 -35.62 -15.99 -10.00
C VAL A 38 -34.42 -15.81 -9.05
N LEU A 39 -33.26 -15.51 -9.63
CA LEU A 39 -32.05 -15.23 -8.85
C LEU A 39 -31.96 -13.77 -8.41
N TYR A 40 -31.97 -12.84 -9.36
CA TYR A 40 -31.76 -11.42 -8.99
C TYR A 40 -32.90 -10.75 -8.20
N ASN A 41 -34.12 -11.26 -8.31
CA ASN A 41 -35.19 -10.76 -7.43
C ASN A 41 -35.28 -11.45 -6.07
N SER A 42 -34.46 -12.47 -5.83
CA SER A 42 -34.38 -13.07 -4.50
C SER A 42 -33.69 -12.12 -3.51
N ALA A 43 -34.26 -12.06 -2.30
CA ALA A 43 -33.71 -11.25 -1.20
C ALA A 43 -32.78 -12.04 -0.28
N SER A 44 -32.69 -13.35 -0.47
CA SER A 44 -31.97 -14.25 0.42
C SER A 44 -30.47 -14.41 0.12
N PHE A 45 -29.95 -13.76 -0.93
CA PHE A 45 -28.51 -13.79 -1.23
C PHE A 45 -27.83 -12.62 -0.55
N SER A 46 -26.76 -12.88 0.17
CA SER A 46 -25.99 -11.82 0.82
C SER A 46 -25.00 -11.13 -0.13
N THR A 47 -24.55 -11.82 -1.19
CA THR A 47 -23.70 -11.23 -2.22
C THR A 47 -24.35 -11.51 -3.54
N PHE A 48 -24.41 -10.49 -4.40
CA PHE A 48 -24.89 -10.65 -5.74
C PHE A 48 -24.21 -9.57 -6.55
N LYS A 49 -23.17 -9.97 -7.28
CA LYS A 49 -22.32 -9.05 -8.04
C LYS A 49 -22.01 -9.54 -9.46
N CYS A 50 -22.33 -8.71 -10.45
CA CYS A 50 -22.11 -9.07 -11.81
C CYS A 50 -21.09 -8.18 -12.43
N TYR A 51 -20.13 -8.81 -13.09
CA TYR A 51 -19.00 -8.15 -13.72
C TYR A 51 -19.17 -8.20 -15.23
N GLY A 52 -19.09 -7.04 -15.87
CA GLY A 52 -19.13 -6.97 -17.32
C GLY A 52 -20.52 -7.06 -17.89
N VAL A 53 -21.55 -7.18 -17.04
CA VAL A 53 -22.92 -7.35 -17.51
C VAL A 53 -23.85 -7.04 -16.38
N SER A 54 -25.03 -6.50 -16.70
CA SER A 54 -26.06 -6.30 -15.71
C SER A 54 -26.99 -7.53 -15.63
N PRO A 55 -27.35 -7.99 -14.42
CA PRO A 55 -28.20 -9.18 -14.33
C PRO A 55 -29.61 -8.93 -14.85
N THR A 56 -30.05 -7.68 -14.80
CA THR A 56 -31.34 -7.24 -15.34
C THR A 56 -31.34 -7.14 -16.87
N LYS A 57 -30.22 -7.39 -17.52
CA LYS A 57 -30.19 -7.44 -18.97
C LYS A 57 -30.05 -8.89 -19.49
N LEU A 58 -29.86 -9.87 -18.60
CA LEU A 58 -29.61 -11.25 -19.01
C LEU A 58 -30.84 -11.90 -19.66
N ASN A 59 -32.03 -11.61 -19.13
CA ASN A 59 -33.29 -12.09 -19.72
C ASN A 59 -33.48 -11.75 -21.22
N ASP A 60 -32.85 -10.66 -21.67
CA ASP A 60 -32.86 -10.29 -23.10
C ASP A 60 -31.95 -11.16 -23.96
N LEU A 61 -30.94 -11.81 -23.38
CA LEU A 61 -29.82 -12.39 -24.14
C LEU A 61 -29.87 -13.91 -24.33
N CYS A 62 -29.09 -14.35 -25.33
CA CYS A 62 -28.93 -15.77 -25.66
C CYS A 62 -27.47 -16.17 -25.64
N PHE A 63 -27.19 -17.33 -25.05
CA PHE A 63 -25.84 -17.91 -25.01
C PHE A 63 -25.80 -19.35 -25.50
N THR A 64 -24.63 -19.75 -25.97
CA THR A 64 -24.37 -21.15 -26.34
C THR A 64 -24.44 -22.05 -25.11
N ASN A 65 -23.71 -21.67 -24.05
CA ASN A 65 -23.81 -22.33 -22.73
C ASN A 65 -23.64 -21.34 -21.57
N VAL A 66 -24.20 -21.71 -20.43
CA VAL A 66 -23.97 -21.02 -19.15
C VAL A 66 -23.30 -22.02 -18.21
N TYR A 67 -22.23 -21.59 -17.54
CA TYR A 67 -21.56 -22.40 -16.52
C TYR A 67 -21.86 -21.86 -15.14
N ALA A 68 -22.15 -22.80 -14.24
CA ALA A 68 -22.42 -22.50 -12.86
C ALA A 68 -21.40 -23.26 -12.01
N ASP A 69 -20.42 -22.52 -11.49
CA ASP A 69 -19.46 -23.08 -10.52
C ASP A 69 -19.97 -22.88 -9.11
N SER A 70 -19.81 -23.90 -8.26
CA SER A 70 -20.34 -23.84 -6.90
C SER A 70 -19.44 -24.53 -5.90
N PHE A 71 -19.49 -24.00 -4.69
CA PHE A 71 -18.63 -24.43 -3.60
C PHE A 71 -19.00 -23.69 -2.34
N VAL A 72 -18.37 -24.12 -1.25
CA VAL A 72 -18.50 -23.51 0.03
C VAL A 72 -17.15 -22.97 0.51
N ILE A 73 -17.20 -21.76 1.05
CA ILE A 73 -16.05 -21.14 1.70
C ILE A 73 -16.59 -20.43 2.95
N ARG A 74 -15.72 -19.82 3.75
CA ARG A 74 -16.22 -19.08 4.91
C ARG A 74 -16.55 -17.62 4.55
N GLY A 75 -17.39 -16.98 5.37
CA GLY A 75 -17.96 -15.64 5.04
C GLY A 75 -16.90 -14.60 4.70
N ASP A 76 -15.85 -14.57 5.50
CA ASP A 76 -14.69 -13.64 5.30
C ASP A 76 -13.97 -13.81 3.98
N GLU A 77 -14.20 -14.93 3.29
CA GLU A 77 -13.50 -15.22 2.06
C GLU A 77 -14.33 -14.92 0.83
N VAL A 78 -15.61 -14.60 0.99
CA VAL A 78 -16.45 -14.32 -0.18
C VAL A 78 -15.91 -13.16 -1.08
N ARG A 79 -15.32 -12.16 -0.43
CA ARG A 79 -14.59 -11.11 -1.10
C ARG A 79 -13.52 -11.56 -2.09
N GLN A 80 -12.93 -12.74 -1.88
CA GLN A 80 -11.95 -13.29 -2.82
C GLN A 80 -12.50 -13.80 -4.13
N ILE A 81 -13.82 -13.99 -4.20
CA ILE A 81 -14.48 -14.46 -5.40
C ILE A 81 -14.91 -13.25 -6.25
N ALA A 82 -13.88 -12.68 -6.86
CA ALA A 82 -14.04 -11.50 -7.70
C ALA A 82 -12.78 -11.38 -8.52
N PRO A 83 -12.84 -10.65 -9.64
CA PRO A 83 -11.61 -10.44 -10.38
C PRO A 83 -10.57 -9.71 -9.55
N GLY A 84 -9.32 -10.08 -9.69
CA GLY A 84 -8.20 -9.37 -9.10
C GLY A 84 -7.94 -9.45 -7.61
N GLN A 85 -8.39 -10.52 -6.99
CA GLN A 85 -8.23 -10.72 -5.59
C GLN A 85 -7.07 -11.64 -5.32
N THR A 86 -6.63 -11.60 -4.08
CA THR A 86 -5.58 -12.46 -3.55
C THR A 86 -5.95 -12.99 -2.17
N GLY A 87 -5.25 -14.04 -1.74
CA GLY A 87 -5.53 -14.75 -0.51
C GLY A 87 -5.59 -16.25 -0.80
N LYS A 88 -5.79 -17.04 0.23
CA LYS A 88 -5.73 -18.53 0.07
C LYS A 88 -6.74 -19.04 -0.93
N ILE A 89 -7.94 -18.45 -0.98
CA ILE A 89 -8.99 -18.93 -1.89
C ILE A 89 -8.70 -18.52 -3.32
N ALA A 90 -8.62 -17.20 -3.57
CA ALA A 90 -8.28 -16.74 -4.90
C ALA A 90 -6.97 -17.33 -5.41
N ASP A 91 -5.95 -17.49 -4.55
CA ASP A 91 -4.64 -17.92 -5.05
C ASP A 91 -4.58 -19.44 -5.26
N TYR A 92 -5.14 -20.19 -4.31
CA TYR A 92 -4.91 -21.64 -4.30
C TYR A 92 -6.15 -22.50 -4.55
N ASN A 93 -7.34 -21.91 -4.72
CA ASN A 93 -8.58 -22.70 -4.78
C ASN A 93 -9.50 -22.40 -5.94
N TYR A 94 -9.96 -21.14 -6.03
CA TYR A 94 -10.84 -20.75 -7.11
C TYR A 94 -10.49 -19.32 -7.58
N LYS A 95 -10.00 -19.19 -8.80
CA LYS A 95 -9.48 -17.94 -9.32
C LYS A 95 -10.35 -17.47 -10.47
N LEU A 96 -10.98 -16.30 -10.34
CA LEU A 96 -11.59 -15.61 -11.47
C LEU A 96 -10.56 -14.79 -12.27
N PRO A 97 -10.73 -14.74 -13.59
CA PRO A 97 -9.81 -14.00 -14.42
C PRO A 97 -10.08 -12.49 -14.30
N ASP A 98 -9.08 -11.71 -14.63
CA ASP A 98 -9.22 -10.23 -14.53
C ASP A 98 -10.34 -9.73 -15.42
N ASP A 99 -10.52 -10.38 -16.56
CA ASP A 99 -11.57 -9.98 -17.51
C ASP A 99 -12.86 -10.82 -17.41
N PHE A 100 -13.11 -11.34 -16.21
CA PHE A 100 -14.32 -12.06 -15.93
C PHE A 100 -15.58 -11.31 -16.37
N THR A 101 -16.45 -12.05 -17.07
CA THR A 101 -17.81 -11.60 -17.32
C THR A 101 -18.73 -12.64 -16.71
N GLY A 102 -19.48 -12.23 -15.69
CA GLY A 102 -20.45 -13.09 -15.08
C GLY A 102 -20.90 -12.60 -13.73
N CYS A 103 -21.57 -13.48 -12.98
CA CYS A 103 -22.20 -13.13 -11.71
C CYS A 103 -21.64 -14.01 -10.60
N VAL A 104 -21.50 -13.40 -9.42
CA VAL A 104 -21.04 -14.05 -8.23
C VAL A 104 -22.15 -13.88 -7.22
N ILE A 105 -22.66 -15.02 -6.75
CA ILE A 105 -23.82 -15.05 -5.91
C ILE A 105 -23.46 -15.84 -4.67
N ALA A 106 -23.72 -15.31 -3.49
CA ALA A 106 -23.43 -16.04 -2.25
C ALA A 106 -24.50 -15.85 -1.24
N TRP A 107 -24.57 -16.78 -0.29
CA TRP A 107 -25.52 -16.73 0.82
C TRP A 107 -25.01 -17.54 1.98
N ASN A 108 -25.36 -17.09 3.18
CA ASN A 108 -24.97 -17.75 4.40
C ASN A 108 -25.65 -19.13 4.42
N SER A 109 -24.86 -20.17 4.69
CA SER A 109 -25.40 -21.55 4.69
C SER A 109 -25.17 -22.26 6.01
N ASN A 110 -25.04 -21.48 7.09
CA ASN A 110 -24.83 -22.02 8.44
C ASN A 110 -25.84 -23.13 8.84
N ASN A 111 -27.11 -22.95 8.47
CA ASN A 111 -28.16 -23.92 8.80
C ASN A 111 -28.03 -25.22 8.04
N LEU A 112 -27.42 -25.19 6.88
CA LEU A 112 -27.23 -26.38 6.07
C LEU A 112 -25.87 -27.03 6.31
N ASP A 113 -24.84 -26.21 6.47
CA ASP A 113 -23.47 -26.69 6.35
C ASP A 113 -22.68 -26.75 7.63
N SER A 114 -23.07 -26.01 8.66
CA SER A 114 -22.40 -26.18 9.96
C SER A 114 -23.01 -27.36 10.69
N LYS A 115 -22.23 -27.93 11.58
CA LYS A 115 -22.63 -29.14 12.33
C LYS A 115 -22.12 -28.97 13.72
N VAL A 116 -22.90 -29.44 14.70
CA VAL A 116 -22.61 -29.11 16.11
C VAL A 116 -21.21 -29.55 16.60
N GLY A 117 -20.74 -30.70 16.10
CA GLY A 117 -19.35 -31.12 16.40
C GLY A 117 -18.29 -30.61 15.42
N GLY A 118 -18.69 -29.78 14.44
CA GLY A 118 -17.82 -29.32 13.36
C GLY A 118 -18.07 -30.13 12.08
N ASN A 119 -18.27 -29.46 10.96
CA ASN A 119 -18.28 -30.12 9.67
C ASN A 119 -16.83 -30.09 9.14
N TYR A 120 -16.17 -31.24 9.15
CA TYR A 120 -14.79 -31.34 8.72
C TYR A 120 -14.71 -31.67 7.25
N ASN A 121 -15.86 -31.86 6.62
CA ASN A 121 -15.91 -32.35 5.26
C ASN A 121 -15.70 -31.29 4.18
N TYR A 122 -15.83 -30.02 4.55
CA TYR A 122 -15.52 -28.91 3.63
C TYR A 122 -14.07 -28.54 3.81
N LEU A 123 -13.31 -28.64 2.73
CA LEU A 123 -11.89 -28.38 2.72
C LEU A 123 -11.48 -27.21 1.79
N TYR A 124 -10.30 -26.66 2.05
CA TYR A 124 -9.64 -25.74 1.15
C TYR A 124 -8.14 -26.03 1.16
N ARG A 125 -7.51 -25.76 0.02
CA ARG A 125 -6.06 -25.79 -0.11
C ARG A 125 -5.37 -24.61 0.59
N LEU A 126 -4.54 -24.92 1.59
CA LEU A 126 -3.80 -23.93 2.35
C LEU A 126 -2.44 -23.64 1.73
N PHE A 127 -1.82 -24.64 1.10
CA PHE A 127 -0.45 -24.51 0.59
C PHE A 127 -0.43 -24.86 -0.87
N ARG A 128 0.30 -24.08 -1.67
CA ARG A 128 0.57 -24.45 -3.05
C ARG A 128 1.86 -23.80 -3.54
N LYS A 129 2.55 -24.45 -4.47
CA LYS A 129 3.83 -23.95 -4.99
C LYS A 129 3.63 -22.62 -5.75
N SER A 130 2.53 -22.55 -6.51
CA SER A 130 2.19 -21.37 -7.31
C SER A 130 0.67 -21.12 -7.29
N ASN A 131 0.26 -19.95 -7.77
CA ASN A 131 -1.15 -19.60 -7.83
C ASN A 131 -1.85 -20.30 -8.95
N LEU A 132 -3.12 -20.59 -8.75
CA LEU A 132 -3.94 -21.08 -9.82
C LEU A 132 -4.09 -20.08 -10.94
N LYS A 133 -4.19 -20.62 -12.13
CA LYS A 133 -4.65 -19.89 -13.27
C LYS A 133 -6.15 -19.75 -13.15
N PRO A 134 -6.71 -18.72 -13.82
CA PRO A 134 -8.16 -18.56 -13.76
C PRO A 134 -8.90 -19.83 -14.17
N PHE A 135 -9.93 -20.18 -13.39
CA PHE A 135 -10.79 -21.33 -13.64
C PHE A 135 -10.01 -22.67 -13.63
N GLU A 136 -8.82 -22.69 -13.05
CA GLU A 136 -8.05 -23.91 -12.87
C GLU A 136 -8.58 -24.63 -11.61
N ARG A 137 -8.54 -25.95 -11.64
CA ARG A 137 -8.92 -26.74 -10.47
C ARG A 137 -7.80 -27.74 -10.17
N ASP A 138 -7.29 -27.69 -8.96
CA ASP A 138 -6.27 -28.59 -8.50
C ASP A 138 -6.88 -29.44 -7.37
N ILE A 139 -7.10 -30.73 -7.68
CA ILE A 139 -7.53 -31.71 -6.66
C ILE A 139 -6.41 -32.63 -6.11
N SER A 140 -5.18 -32.41 -6.55
CA SER A 140 -4.03 -33.15 -6.03
C SER A 140 -3.89 -33.01 -4.52
N THR A 141 -3.17 -33.97 -3.95
CA THR A 141 -2.93 -34.02 -2.55
C THR A 141 -1.48 -34.45 -2.22
N GLU A 142 -0.50 -33.80 -2.86
CA GLU A 142 0.92 -34.10 -2.61
C GLU A 142 1.38 -33.34 -1.39
N ILE A 143 2.41 -33.86 -0.73
CA ILE A 143 2.93 -33.18 0.47
C ILE A 143 3.63 -31.91 -0.01
N TYR A 144 3.45 -30.82 0.73
CA TYR A 144 4.01 -29.54 0.35
C TYR A 144 5.31 -29.27 1.11
N GLN A 145 6.36 -28.94 0.36
CA GLN A 145 7.65 -28.63 0.97
C GLN A 145 7.70 -27.14 1.33
N ALA A 146 7.72 -26.87 2.64
CA ALA A 146 7.77 -25.50 3.17
C ALA A 146 9.19 -25.02 3.53
N GLY A 147 10.13 -25.96 3.65
CA GLY A 147 11.52 -25.65 4.03
C GLY A 147 12.48 -26.09 2.94
N SER A 148 13.76 -26.14 3.25
CA SER A 148 14.78 -26.50 2.26
C SER A 148 14.87 -28.02 1.99
N THR A 149 14.64 -28.86 3.01
CA THR A 149 14.79 -30.32 2.85
C THR A 149 13.55 -30.91 2.16
N PRO A 150 13.75 -31.76 1.13
CA PRO A 150 12.58 -32.32 0.47
C PRO A 150 11.86 -33.34 1.34
N CYS A 151 10.56 -33.48 1.11
CA CYS A 151 9.69 -34.38 1.85
C CYS A 151 9.67 -35.79 1.25
N ASN A 152 9.76 -35.87 -0.08
CA ASN A 152 9.61 -37.12 -0.85
C ASN A 152 8.48 -38.00 -0.32
N GLY A 153 7.24 -37.48 -0.41
CA GLY A 153 6.05 -38.23 -0.03
C GLY A 153 5.73 -38.34 1.46
N VAL A 154 6.61 -37.84 2.32
CA VAL A 154 6.50 -38.04 3.78
C VAL A 154 6.19 -36.72 4.47
N GLU A 155 5.11 -36.74 5.25
CA GLU A 155 4.74 -35.63 6.11
C GLU A 155 5.75 -35.46 7.22
N GLY A 156 6.00 -34.21 7.57
CA GLY A 156 6.97 -33.89 8.59
C GLY A 156 6.91 -32.42 8.91
N PHE A 157 7.84 -31.98 9.74
CA PHE A 157 7.96 -30.56 9.99
C PHE A 157 8.44 -29.90 8.72
N ASN A 158 7.77 -28.80 8.37
CA ASN A 158 7.90 -28.17 7.04
C ASN A 158 7.69 -29.14 5.88
N CYS A 159 6.81 -30.13 6.09
CA CYS A 159 6.39 -31.07 5.05
C CYS A 159 4.90 -31.36 5.22
N TYR A 160 4.07 -30.48 4.67
CA TYR A 160 2.64 -30.43 5.05
C TYR A 160 1.68 -31.10 4.07
N PHE A 161 0.62 -31.66 4.63
CA PHE A 161 -0.52 -32.06 3.84
C PHE A 161 -1.10 -30.73 3.36
N PRO A 162 -1.47 -30.62 2.07
CA PRO A 162 -1.78 -29.30 1.48
C PRO A 162 -3.17 -28.72 1.77
N LEU A 163 -4.08 -29.52 2.34
CA LEU A 163 -5.44 -29.09 2.64
C LEU A 163 -5.72 -28.91 4.12
N GLN A 164 -6.69 -28.06 4.41
CA GLN A 164 -7.16 -27.83 5.76
C GLN A 164 -8.65 -27.89 5.76
N SER A 165 -9.19 -28.31 6.90
CA SER A 165 -10.60 -28.46 7.08
C SER A 165 -11.16 -27.19 7.69
N TYR A 166 -12.34 -26.78 7.23
CA TYR A 166 -12.99 -25.62 7.84
C TYR A 166 -13.54 -25.85 9.26
N GLY A 167 -14.07 -27.04 9.54
CA GLY A 167 -14.65 -27.29 10.86
C GLY A 167 -15.86 -26.43 11.21
N PHE A 168 -16.73 -26.16 10.25
CA PHE A 168 -17.84 -25.24 10.47
C PHE A 168 -18.78 -25.71 11.60
N GLN A 169 -19.00 -24.82 12.57
CA GLN A 169 -19.90 -25.04 13.72
C GLN A 169 -20.91 -23.90 13.78
N PRO A 170 -22.16 -24.17 14.19
CA PRO A 170 -23.19 -23.12 14.13
C PRO A 170 -22.92 -21.92 15.04
N THR A 171 -22.06 -22.11 16.02
CA THR A 171 -21.69 -21.06 16.94
C THR A 171 -20.54 -20.18 16.48
N ASN A 172 -19.94 -20.45 15.31
CA ASN A 172 -18.86 -19.60 14.80
C ASN A 172 -19.36 -18.19 14.58
N GLY A 173 -18.45 -17.23 14.69
CA GLY A 173 -18.68 -15.89 14.18
C GLY A 173 -19.05 -15.92 12.69
N VAL A 174 -19.79 -14.93 12.24
CA VAL A 174 -20.37 -14.92 10.88
C VAL A 174 -19.32 -14.99 9.76
N GLY A 175 -18.17 -14.38 9.97
CA GLY A 175 -17.04 -14.50 9.06
C GLY A 175 -16.44 -15.88 8.92
N TYR A 176 -16.66 -16.72 9.93
CA TYR A 176 -16.18 -18.08 10.00
C TYR A 176 -17.29 -19.09 9.74
N GLN A 177 -18.47 -18.58 9.36
CA GLN A 177 -19.59 -19.44 9.02
C GLN A 177 -19.52 -19.77 7.57
N PRO A 178 -20.12 -20.90 7.19
CA PRO A 178 -20.15 -21.29 5.80
C PRO A 178 -21.06 -20.44 4.91
N TYR A 179 -20.55 -20.12 3.74
CA TYR A 179 -21.31 -19.53 2.66
C TYR A 179 -21.22 -20.38 1.41
N ARG A 180 -22.37 -20.58 0.81
CA ARG A 180 -22.48 -21.17 -0.47
C ARG A 180 -22.33 -20.09 -1.52
N VAL A 181 -21.62 -20.44 -2.59
CA VAL A 181 -21.32 -19.53 -3.67
C VAL A 181 -21.63 -20.19 -4.98
N VAL A 182 -22.30 -19.44 -5.85
CA VAL A 182 -22.46 -19.83 -7.23
C VAL A 182 -21.87 -18.72 -8.07
N VAL A 183 -21.03 -19.10 -9.02
CA VAL A 183 -20.49 -18.18 -10.01
C VAL A 183 -21.05 -18.58 -11.37
N LEU A 184 -21.77 -17.65 -12.01
CA LEU A 184 -22.27 -17.87 -13.35
C LEU A 184 -21.34 -17.24 -14.38
N SER A 185 -20.84 -18.03 -15.32
CA SER A 185 -20.15 -17.51 -16.48
C SER A 185 -20.91 -17.92 -17.75
N PHE A 186 -20.59 -17.24 -18.83
CA PHE A 186 -21.37 -17.32 -20.07
C PHE A 186 -20.47 -17.64 -21.25
N GLU A 187 -20.90 -18.57 -22.10
CA GLU A 187 -20.09 -18.98 -23.23
C GLU A 187 -20.88 -18.70 -24.51
N LEU A 188 -20.25 -17.97 -25.43
CA LEU A 188 -20.82 -17.68 -26.76
C LEU A 188 -19.90 -18.29 -27.83
N LEU A 189 -20.49 -19.15 -28.67
CA LEU A 189 -19.79 -19.87 -29.72
C LEU A 189 -20.56 -19.73 -31.02
N HIS A 190 -19.95 -20.21 -32.10
CA HIS A 190 -20.63 -20.32 -33.39
C HIS A 190 -21.52 -21.56 -33.36
N ALA A 191 -22.69 -21.43 -32.78
CA ALA A 191 -23.63 -22.53 -32.69
C ALA A 191 -25.00 -21.96 -32.38
N PRO A 192 -26.06 -22.78 -32.54
CA PRO A 192 -27.34 -22.35 -32.00
C PRO A 192 -27.23 -22.05 -30.49
N ALA A 193 -27.71 -20.88 -30.08
CA ALA A 193 -27.74 -20.53 -28.67
C ALA A 193 -28.74 -21.44 -27.97
N THR A 194 -28.23 -22.23 -27.04
CA THR A 194 -29.04 -23.23 -26.38
C THR A 194 -29.69 -22.66 -25.10
N VAL A 195 -29.13 -21.57 -24.55
CA VAL A 195 -29.64 -20.90 -23.32
C VAL A 195 -30.08 -19.46 -23.60
N CYS A 196 -31.38 -19.20 -23.49
CA CYS A 196 -31.95 -17.89 -23.74
C CYS A 196 -32.85 -17.46 -22.59
N GLY A 197 -33.07 -16.15 -22.48
CA GLY A 197 -34.06 -15.63 -21.58
C GLY A 197 -35.41 -15.70 -22.26
N PRO A 198 -36.44 -15.10 -21.66
CA PRO A 198 -37.66 -14.83 -22.44
C PRO A 198 -37.47 -13.89 -23.64
N LYS A 199 -36.31 -13.21 -23.75
CA LYS A 199 -35.92 -12.29 -24.84
C LYS A 199 -36.88 -11.11 -24.98
N GLN B 1 2.11 -11.42 -8.77
CA GLN B 1 1.54 -10.30 -7.96
C GLN B 1 1.42 -9.01 -8.78
N VAL B 2 0.42 -8.23 -8.48
CA VAL B 2 0.22 -6.95 -9.15
C VAL B 2 1.36 -6.01 -8.76
N GLN B 3 1.99 -5.39 -9.76
CA GLN B 3 2.96 -4.35 -9.50
C GLN B 3 2.68 -3.13 -10.38
N LEU B 4 2.82 -1.94 -9.79
CA LEU B 4 2.75 -0.67 -10.49
C LEU B 4 4.06 0.04 -10.18
N VAL B 5 4.87 0.23 -11.21
CA VAL B 5 6.19 0.80 -11.06
C VAL B 5 6.22 2.10 -11.81
N GLN B 6 6.46 3.17 -11.05
CA GLN B 6 6.45 4.53 -11.63
C GLN B 6 7.82 4.99 -12.00
N SER B 7 7.89 5.96 -12.92
CA SER B 7 9.12 6.66 -13.24
C SER B 7 9.71 7.46 -12.09
N GLY B 8 10.97 7.83 -12.24
CA GLY B 8 11.74 8.41 -11.17
C GLY B 8 11.37 9.87 -10.92
N ALA B 9 11.77 10.37 -9.76
CA ALA B 9 11.57 11.79 -9.38
C ALA B 9 12.10 12.75 -10.42
N GLU B 10 11.39 13.87 -10.58
CA GLU B 10 11.69 14.90 -11.56
C GLU B 10 11.71 16.28 -10.95
N VAL B 11 12.45 17.19 -11.58
CA VAL B 11 12.46 18.61 -11.19
C VAL B 11 12.16 19.35 -12.47
N LYS B 12 11.35 20.38 -12.35
CA LYS B 12 10.88 21.14 -13.50
C LYS B 12 10.82 22.60 -13.13
N LYS B 13 11.09 23.44 -14.11
CA LYS B 13 10.93 24.88 -13.99
C LYS B 13 9.45 25.22 -14.20
N PRO B 14 8.99 26.30 -13.56
CA PRO B 14 7.64 26.74 -13.87
C PRO B 14 7.42 26.94 -15.38
N GLY B 15 6.27 26.48 -15.86
CA GLY B 15 5.88 26.58 -17.26
C GLY B 15 6.25 25.36 -18.03
N ALA B 16 7.11 24.51 -17.47
CA ALA B 16 7.47 23.26 -18.11
C ALA B 16 6.35 22.25 -17.95
N SER B 17 6.52 21.08 -18.55
CA SER B 17 5.60 20.00 -18.39
C SER B 17 6.34 18.80 -17.85
N VAL B 18 5.58 17.86 -17.31
CA VAL B 18 6.16 16.61 -16.78
C VAL B 18 5.30 15.47 -17.26
N LYS B 19 5.93 14.34 -17.56
CA LYS B 19 5.18 13.15 -17.94
C LYS B 19 5.64 12.00 -17.04
N VAL B 20 4.76 11.50 -16.21
CA VAL B 20 5.09 10.44 -15.26
C VAL B 20 4.52 9.16 -15.81
N SER B 21 5.32 8.08 -15.76
CA SER B 21 4.84 6.76 -16.19
C SER B 21 4.48 5.88 -15.02
N CYS B 22 3.59 4.93 -15.30
CA CYS B 22 3.21 3.92 -14.37
C CYS B 22 3.12 2.61 -15.17
N LYS B 23 4.07 1.72 -14.92
CA LYS B 23 4.19 0.43 -15.66
C LYS B 23 3.60 -0.70 -14.82
N ALA B 24 2.56 -1.31 -15.37
CA ALA B 24 1.79 -2.34 -14.75
C ALA B 24 2.29 -3.73 -15.13
N SER B 25 2.26 -4.65 -14.19
CA SER B 25 2.53 -6.03 -14.48
C SER B 25 1.76 -6.87 -13.49
N GLY B 26 1.59 -8.14 -13.84
CA GLY B 26 1.03 -9.11 -12.94
C GLY B 26 -0.47 -9.23 -13.06
N TYR B 27 -1.06 -8.58 -14.04
CA TYR B 27 -2.49 -8.65 -14.27
C TYR B 27 -2.79 -8.18 -15.69
N ILE B 28 -4.04 -8.37 -16.11
CA ILE B 28 -4.46 -7.95 -17.43
C ILE B 28 -4.71 -6.41 -17.38
N PHE B 29 -3.72 -5.67 -17.85
CA PHE B 29 -3.68 -4.17 -17.86
C PHE B 29 -4.98 -3.52 -18.33
N THR B 30 -5.60 -4.04 -19.40
CA THR B 30 -6.77 -3.44 -19.97
C THR B 30 -8.03 -3.72 -19.20
N SER B 31 -7.97 -4.52 -18.16
CA SER B 31 -9.19 -4.80 -17.42
C SER B 31 -9.50 -3.82 -16.29
N TYR B 32 -8.56 -2.93 -15.96
CA TYR B 32 -8.74 -2.07 -14.80
C TYR B 32 -8.44 -0.63 -15.16
N SER B 33 -9.29 0.26 -14.69
CA SER B 33 -9.05 1.68 -14.80
C SER B 33 -7.88 2.08 -13.89
N MET B 34 -7.15 3.11 -14.32
CA MET B 34 -6.05 3.66 -13.53
C MET B 34 -6.42 5.11 -13.18
N HIS B 35 -6.10 5.51 -11.95
CA HIS B 35 -6.31 6.89 -11.49
C HIS B 35 -4.97 7.47 -11.05
N TRP B 36 -4.90 8.81 -11.05
CA TRP B 36 -3.75 9.54 -10.59
C TRP B 36 -4.23 10.42 -9.43
N VAL B 37 -3.50 10.27 -8.34
CA VAL B 37 -3.75 10.95 -7.09
C VAL B 37 -2.41 11.57 -6.73
N ARG B 38 -2.44 12.82 -6.28
CA ARG B 38 -1.21 13.47 -5.87
C ARG B 38 -1.30 14.03 -4.47
N GLN B 39 -0.13 14.32 -3.92
CA GLN B 39 -0.05 14.75 -2.53
C GLN B 39 1.15 15.66 -2.34
N ALA B 40 0.88 16.94 -2.12
CA ALA B 40 1.94 17.88 -1.82
C ALA B 40 2.55 17.52 -0.47
N PRO B 41 3.87 17.73 -0.30
CA PRO B 41 4.54 17.30 0.93
C PRO B 41 3.84 17.89 2.16
N GLY B 42 3.56 17.04 3.11
CA GLY B 42 2.81 17.42 4.31
C GLY B 42 1.33 17.77 4.15
N GLN B 43 0.73 17.54 2.99
CA GLN B 43 -0.65 17.94 2.77
C GLN B 43 -1.51 16.74 2.42
N GLY B 44 -2.71 16.98 1.94
CA GLY B 44 -3.67 15.91 1.70
C GLY B 44 -3.57 15.26 0.32
N LEU B 45 -4.32 14.17 0.18
CA LEU B 45 -4.51 13.53 -1.10
C LEU B 45 -5.45 14.32 -2.00
N GLU B 46 -5.13 14.33 -3.28
CA GLU B 46 -5.95 15.03 -4.29
C GLU B 46 -6.12 14.16 -5.53
N TRP B 47 -7.35 13.86 -5.86
CA TRP B 47 -7.66 13.08 -7.05
C TRP B 47 -7.52 13.98 -8.28
N MET B 48 -6.82 13.47 -9.28
CA MET B 48 -6.60 14.23 -10.52
C MET B 48 -7.47 13.75 -11.67
N GLY B 49 -7.69 12.44 -11.80
CA GLY B 49 -8.39 11.94 -12.96
C GLY B 49 -8.18 10.46 -13.13
N THR B 50 -8.79 9.94 -14.17
CA THR B 50 -8.73 8.50 -14.45
C THR B 50 -8.68 8.24 -15.97
N ILE B 51 -8.05 7.14 -16.32
CA ILE B 51 -8.10 6.60 -17.68
C ILE B 51 -8.52 5.13 -17.61
N LYS B 52 -9.41 4.78 -18.55
CA LYS B 52 -9.85 3.41 -18.75
C LYS B 52 -9.08 2.83 -19.94
N PRO B 53 -8.08 1.99 -19.69
CA PRO B 53 -7.22 1.56 -20.82
C PRO B 53 -7.95 0.77 -21.96
N SER B 54 -9.02 0.09 -21.63
CA SER B 54 -9.74 -0.72 -22.62
C SER B 54 -10.43 0.11 -23.71
N ASP B 55 -11.01 1.27 -23.36
CA ASP B 55 -11.57 2.16 -24.39
C ASP B 55 -10.90 3.52 -24.56
N ASP B 56 -9.83 3.78 -23.82
CA ASP B 56 -9.08 5.03 -23.92
C ASP B 56 -9.89 6.23 -23.45
N SER B 57 -10.95 6.03 -22.69
CA SER B 57 -11.72 7.13 -22.16
C SER B 57 -11.00 7.70 -20.91
N THR B 58 -11.16 9.01 -20.71
CA THR B 58 -10.55 9.68 -19.58
C THR B 58 -11.57 10.54 -18.88
N ASN B 59 -11.30 10.88 -17.61
CA ASN B 59 -12.15 11.83 -16.89
C ASN B 59 -11.26 12.53 -15.87
N TYR B 60 -11.24 13.85 -15.93
CA TYR B 60 -10.34 14.65 -15.11
C TYR B 60 -11.14 15.58 -14.19
N ALA B 61 -10.59 15.83 -13.03
CA ALA B 61 -11.09 16.89 -12.17
C ALA B 61 -11.12 18.19 -12.95
N GLN B 62 -12.16 19.00 -12.71
CA GLN B 62 -12.30 20.28 -13.41
C GLN B 62 -11.03 21.12 -13.31
N LYS B 63 -10.43 21.09 -12.14
CA LYS B 63 -9.20 21.83 -11.84
C LYS B 63 -8.05 21.56 -12.82
N PHE B 64 -7.98 20.36 -13.39
CA PHE B 64 -6.90 20.00 -14.29
C PHE B 64 -7.32 19.94 -15.75
N GLN B 65 -8.60 20.13 -16.02
CA GLN B 65 -9.08 20.09 -17.36
C GLN B 65 -8.36 21.12 -18.24
N GLY B 66 -7.86 20.68 -19.40
CA GLY B 66 -7.10 21.53 -20.28
C GLY B 66 -5.61 21.57 -20.01
N ARG B 67 -5.16 20.92 -18.94
CA ARG B 67 -3.74 20.95 -18.59
C ARG B 67 -3.15 19.56 -18.27
N VAL B 68 -4.00 18.57 -18.05
CA VAL B 68 -3.58 17.19 -17.82
C VAL B 68 -3.98 16.32 -19.04
N SER B 69 -3.13 15.38 -19.35
CA SER B 69 -3.40 14.39 -20.36
C SER B 69 -3.00 13.04 -19.80
N MET B 70 -3.97 12.14 -19.68
CA MET B 70 -3.64 10.78 -19.29
C MET B 70 -3.77 9.92 -20.53
N THR B 71 -2.73 9.13 -20.76
CA THR B 71 -2.65 8.26 -21.93
C THR B 71 -2.23 6.86 -21.48
N ARG B 72 -2.38 5.91 -22.37
CA ARG B 72 -1.99 4.55 -22.08
C ARG B 72 -1.36 3.89 -23.33
N ASP B 73 -0.34 3.08 -23.10
CA ASP B 73 0.28 2.33 -24.15
C ASP B 73 0.05 0.84 -23.83
N THR B 74 -0.92 0.24 -24.49
CA THR B 74 -1.28 -1.18 -24.24
C THR B 74 -0.12 -2.15 -24.65
N SER B 75 0.75 -1.72 -25.56
CA SER B 75 1.87 -2.54 -25.99
C SER B 75 2.95 -2.65 -24.93
N THR B 76 2.96 -1.76 -23.92
CA THR B 76 3.89 -1.88 -22.80
C THR B 76 3.20 -1.89 -21.43
N SER B 77 1.88 -1.97 -21.40
CA SER B 77 1.11 -1.93 -20.18
C SER B 77 1.51 -0.76 -19.30
N THR B 78 1.59 0.42 -19.93
CA THR B 78 2.02 1.65 -19.25
C THR B 78 0.96 2.73 -19.34
N VAL B 79 0.67 3.34 -18.19
CA VAL B 79 -0.18 4.56 -18.12
C VAL B 79 0.71 5.75 -17.90
N TYR B 80 0.34 6.86 -18.51
CA TYR B 80 1.12 8.10 -18.41
C TYR B 80 0.21 9.23 -17.91
N MET B 81 0.79 10.14 -17.15
CA MET B 81 0.11 11.38 -16.75
C MET B 81 1.03 12.49 -17.16
N GLU B 82 0.55 13.33 -18.10
CA GLU B 82 1.29 14.51 -18.52
C GLU B 82 0.60 15.76 -17.98
N LEU B 83 1.34 16.58 -17.23
CA LEU B 83 0.78 17.75 -16.60
C LEU B 83 1.59 18.89 -17.13
N SER B 84 0.92 19.84 -17.78
CA SER B 84 1.65 20.93 -18.47
C SER B 84 1.53 22.26 -17.72
N SER B 85 2.33 23.23 -18.16
CA SER B 85 2.35 24.56 -17.59
C SER B 85 2.43 24.51 -16.08
N LEU B 86 3.49 23.86 -15.60
CA LEU B 86 3.66 23.56 -14.19
C LEU B 86 3.89 24.84 -13.37
N ARG B 87 3.43 24.84 -12.13
CA ARG B 87 3.72 25.86 -11.19
C ARG B 87 4.14 25.24 -9.88
N TYR B 88 4.66 26.06 -8.98
CA TYR B 88 5.14 25.61 -7.66
C TYR B 88 4.13 24.74 -6.91
N GLU B 89 2.87 25.12 -7.01
CA GLU B 89 1.79 24.40 -6.35
C GLU B 89 1.53 23.02 -6.93
N ASP B 90 2.16 22.68 -8.05
CA ASP B 90 2.13 21.29 -8.56
C ASP B 90 3.18 20.37 -7.96
N THR B 91 4.04 20.92 -7.07
CA THR B 91 5.00 20.11 -6.36
C THR B 91 4.26 19.09 -5.52
N ALA B 92 4.52 17.81 -5.77
CA ALA B 92 3.78 16.74 -5.13
C ALA B 92 4.34 15.39 -5.47
N VAL B 93 4.00 14.41 -4.65
CA VAL B 93 4.19 13.01 -4.98
C VAL B 93 2.94 12.65 -5.79
N TYR B 94 3.16 12.14 -7.01
CA TYR B 94 2.10 11.71 -7.90
C TYR B 94 2.08 10.19 -7.84
N TYR B 95 0.92 9.66 -7.53
CA TYR B 95 0.72 8.22 -7.49
C TYR B 95 -0.23 7.79 -8.56
N CYS B 96 0.06 6.62 -9.15
CA CYS B 96 -0.95 5.93 -9.96
C CYS B 96 -1.60 4.89 -9.07
N ALA B 97 -2.89 4.69 -9.21
CA ALA B 97 -3.63 3.71 -8.42
C ALA B 97 -4.56 2.93 -9.32
N ARG B 98 -4.62 1.62 -9.11
CA ARG B 98 -5.53 0.78 -9.88
C ARG B 98 -6.87 0.79 -9.22
N GLU B 99 -7.92 0.96 -9.99
CA GLU B 99 -9.28 0.78 -9.50
C GLU B 99 -9.70 -0.68 -9.74
N ALA B 100 -10.03 -1.37 -8.65
CA ALA B 100 -10.63 -2.69 -8.68
C ALA B 100 -11.87 -2.60 -9.53
N ARG B 101 -12.19 -3.71 -10.19
CA ARG B 101 -13.35 -3.68 -11.02
C ARG B 101 -14.63 -3.37 -10.29
N GLY B 102 -15.45 -2.55 -10.91
CA GLY B 102 -16.80 -2.30 -10.44
C GLY B 102 -17.71 -3.45 -10.88
N TYR B 103 -18.97 -3.33 -10.51
CA TYR B 103 -19.92 -4.41 -10.72
C TYR B 103 -21.32 -3.86 -10.79
N TYR B 104 -22.20 -4.68 -11.36
CA TYR B 104 -23.65 -4.41 -11.31
C TYR B 104 -24.29 -5.19 -10.19
N ASP B 105 -25.13 -4.51 -9.42
CA ASP B 105 -25.90 -5.17 -8.37
C ASP B 105 -27.14 -5.89 -8.95
N ARG B 106 -27.87 -6.56 -8.08
CA ARG B 106 -29.16 -7.24 -8.38
C ARG B 106 -30.18 -6.43 -9.20
N SER B 107 -30.23 -5.14 -8.89
CA SER B 107 -31.16 -4.21 -9.49
C SER B 107 -30.63 -3.58 -10.77
N GLY B 108 -29.43 -3.97 -11.21
CA GLY B 108 -28.84 -3.42 -12.43
C GLY B 108 -28.10 -2.10 -12.29
N TYR B 109 -27.86 -1.65 -11.07
CA TYR B 109 -27.11 -0.38 -10.86
C TYR B 109 -25.61 -0.66 -10.74
N TYR B 110 -24.82 0.25 -11.31
CA TYR B 110 -23.37 0.15 -11.35
C TYR B 110 -22.73 0.72 -10.09
N HIS B 111 -21.75 -0.03 -9.57
CA HIS B 111 -21.00 0.32 -8.36
C HIS B 111 -19.56 0.37 -8.82
N PRO B 112 -18.89 1.52 -8.63
CA PRO B 112 -17.46 1.62 -8.93
C PRO B 112 -16.62 0.74 -8.02
N GLY B 113 -15.36 0.62 -8.39
CA GLY B 113 -14.39 -0.03 -7.52
C GLY B 113 -13.75 0.93 -6.52
N TYR B 114 -12.55 0.56 -6.13
CA TYR B 114 -11.80 1.27 -5.10
C TYR B 114 -10.34 1.03 -5.45
N PHE B 115 -9.42 1.75 -4.81
CA PHE B 115 -8.02 1.62 -5.13
C PHE B 115 -7.43 0.44 -4.38
N ASP B 116 -7.01 -0.56 -5.16
CA ASP B 116 -6.53 -1.81 -4.57
C ASP B 116 -4.99 -1.96 -4.61
N TYR B 117 -4.33 -1.27 -5.55
CA TYR B 117 -2.87 -1.29 -5.68
C TYR B 117 -2.42 0.11 -6.06
N TRP B 118 -1.23 0.46 -5.62
CA TRP B 118 -0.66 1.77 -5.79
C TRP B 118 0.77 1.64 -6.31
N GLY B 119 1.14 2.57 -7.17
CA GLY B 119 2.54 2.78 -7.49
C GLY B 119 3.28 3.32 -6.29
N GLN B 120 4.59 3.38 -6.41
CA GLN B 120 5.43 3.84 -5.30
C GLN B 120 5.43 5.36 -5.13
N GLY B 121 4.86 6.07 -6.09
CA GLY B 121 4.93 7.52 -6.07
C GLY B 121 6.11 8.09 -6.81
N THR B 122 5.90 9.29 -7.37
CA THR B 122 6.92 10.00 -8.05
C THR B 122 6.88 11.42 -7.53
N LEU B 123 7.94 11.86 -6.87
CA LEU B 123 8.04 13.25 -6.49
C LEU B 123 8.41 14.14 -7.71
N VAL B 124 7.59 15.13 -7.99
CA VAL B 124 7.87 16.14 -8.99
C VAL B 124 7.96 17.41 -8.26
N THR B 125 9.10 18.08 -8.36
CA THR B 125 9.32 19.36 -7.68
C THR B 125 9.37 20.41 -8.79
N VAL B 126 8.59 21.47 -8.60
CA VAL B 126 8.56 22.59 -9.54
C VAL B 126 9.24 23.73 -8.83
N SER B 127 10.37 24.17 -9.38
CA SER B 127 11.21 25.21 -8.76
C SER B 127 11.96 26.02 -9.80
N SER B 128 12.18 27.29 -9.51
CA SER B 128 13.10 28.11 -10.28
C SER B 128 14.57 27.91 -9.87
N ALA B 129 14.80 27.28 -8.71
CA ALA B 129 16.15 27.16 -8.16
C ALA B 129 16.86 26.10 -8.92
N SER B 130 18.20 26.17 -8.87
CA SER B 130 19.02 25.29 -9.69
C SER B 130 19.13 23.91 -9.06
N THR B 131 19.04 22.88 -9.88
CA THR B 131 19.32 21.51 -9.47
C THR B 131 20.81 21.32 -9.08
N LYS B 132 21.06 20.51 -8.05
CA LYS B 132 22.45 20.20 -7.62
C LYS B 132 22.54 18.74 -7.16
N GLY B 133 23.44 17.99 -7.79
CA GLY B 133 23.68 16.63 -7.43
C GLY B 133 24.50 16.59 -6.13
N PRO B 134 24.42 15.50 -5.40
CA PRO B 134 25.04 15.42 -4.09
C PRO B 134 26.52 15.08 -4.12
N SER B 135 27.22 15.46 -3.06
CA SER B 135 28.54 14.95 -2.74
C SER B 135 28.35 13.86 -1.70
N VAL B 136 28.84 12.66 -1.97
CA VAL B 136 28.70 11.53 -1.04
C VAL B 136 29.99 11.22 -0.33
N PHE B 137 29.95 11.14 1.00
CA PHE B 137 31.14 10.78 1.82
C PHE B 137 30.84 9.57 2.68
N PRO B 138 31.83 8.69 2.86
CA PRO B 138 31.64 7.55 3.72
C PRO B 138 31.67 7.96 5.22
N LEU B 139 30.85 7.27 6.02
CA LEU B 139 30.80 7.43 7.49
C LEU B 139 31.30 6.08 7.97
N ALA B 140 32.61 6.03 8.15
CA ALA B 140 33.31 4.78 8.46
C ALA B 140 32.90 4.26 9.82
N PRO B 141 32.85 2.93 9.98
CA PRO B 141 32.61 2.33 11.30
C PRO B 141 33.78 2.61 12.26
N SER B 142 33.52 2.79 13.56
CA SER B 142 34.64 2.87 14.57
C SER B 142 34.18 2.44 15.98
N SER B 143 35.07 2.51 16.98
CA SER B 143 34.74 2.06 18.36
C SER B 143 33.62 2.91 19.07
N LYS B 144 33.56 4.21 18.75
CA LYS B 144 32.41 5.10 19.10
C LYS B 144 31.14 4.95 18.20
N SER B 145 31.23 4.14 17.14
CA SER B 145 30.08 3.69 16.31
C SER B 145 29.80 2.16 16.45
N THR B 146 30.51 1.45 17.33
CA THR B 146 30.20 0.04 17.64
C THR B 146 29.26 -0.01 18.87
N SER B 147 28.31 -0.93 18.82
CA SER B 147 27.53 -1.37 19.99
C SER B 147 27.80 -2.88 20.14
N GLY B 148 29.07 -3.21 20.41
CA GLY B 148 29.53 -4.58 20.66
C GLY B 148 29.50 -5.52 19.44
N GLY B 149 28.53 -6.46 19.46
CA GLY B 149 28.31 -7.38 18.35
C GLY B 149 28.00 -6.67 17.03
N THR B 150 27.41 -5.48 17.09
CA THR B 150 27.05 -4.71 15.88
C THR B 150 27.82 -3.38 15.79
N ALA B 151 27.99 -2.88 14.55
CA ALA B 151 28.62 -1.58 14.34
C ALA B 151 27.83 -0.77 13.35
N ALA B 152 27.96 0.55 13.41
CA ALA B 152 27.21 1.44 12.57
C ALA B 152 28.18 2.05 11.56
N LEU B 153 27.76 2.04 10.31
CA LEU B 153 28.52 2.72 9.27
C LEU B 153 27.48 3.37 8.36
N GLY B 154 27.91 4.31 7.54
CA GLY B 154 26.93 5.02 6.71
C GLY B 154 27.52 5.80 5.55
N CYS B 155 26.65 6.59 4.93
CA CYS B 155 27.05 7.56 3.93
C CYS B 155 26.35 8.87 4.20
N LEU B 156 27.12 9.94 4.09
CA LEU B 156 26.63 11.29 4.17
C LEU B 156 26.37 11.75 2.71
N VAL B 157 25.16 12.22 2.46
CA VAL B 157 24.74 12.66 1.13
C VAL B 157 24.55 14.17 1.27
N LYS B 158 25.54 14.91 0.83
CA LYS B 158 25.63 16.30 1.17
C LYS B 158 25.21 17.23 0.02
N ASP B 159 24.42 18.26 0.35
CA ASP B 159 24.24 19.45 -0.50
C ASP B 159 23.63 19.16 -1.87
N TYR B 160 22.41 18.66 -1.89
CA TYR B 160 21.74 18.39 -3.13
C TYR B 160 20.43 19.17 -3.19
N PHE B 161 19.88 19.29 -4.39
CA PHE B 161 18.60 19.94 -4.60
C PHE B 161 18.01 19.51 -5.90
N PRO B 162 16.70 19.26 -5.97
CA PRO B 162 15.76 19.14 -4.85
C PRO B 162 15.71 17.76 -4.27
N GLU B 163 14.70 17.50 -3.46
CA GLU B 163 14.44 16.16 -3.01
C GLU B 163 13.91 15.43 -4.28
N PRO B 164 13.98 14.11 -4.29
CA PRO B 164 14.44 13.26 -3.21
C PRO B 164 15.72 12.47 -3.49
N VAL B 165 16.26 11.91 -2.43
CA VAL B 165 17.38 11.01 -2.61
C VAL B 165 17.04 9.64 -1.98
N THR B 166 17.28 8.53 -2.69
CA THR B 166 17.13 7.21 -2.10
C THR B 166 18.48 6.56 -1.92
N VAL B 167 18.58 5.75 -0.89
CA VAL B 167 19.81 5.04 -0.64
C VAL B 167 19.52 3.55 -0.42
N SER B 168 20.22 2.70 -1.15
CA SER B 168 20.23 1.29 -0.87
C SER B 168 21.64 0.89 -0.45
N TRP B 169 21.79 -0.35 0.00
CA TRP B 169 23.08 -0.85 0.40
C TRP B 169 23.35 -2.16 -0.29
N ASN B 170 24.55 -2.27 -0.82
CA ASN B 170 25.00 -3.45 -1.56
C ASN B 170 24.01 -3.85 -2.62
N SER B 171 23.58 -2.86 -3.39
CA SER B 171 22.58 -3.00 -4.46
C SER B 171 21.28 -3.67 -4.05
N GLY B 172 20.84 -3.43 -2.83
CA GLY B 172 19.61 -4.00 -2.31
C GLY B 172 19.77 -5.34 -1.62
N ALA B 173 20.95 -5.96 -1.70
CA ALA B 173 21.24 -7.20 -0.96
C ALA B 173 21.25 -6.98 0.54
N LEU B 174 21.70 -5.81 0.98
CA LEU B 174 21.69 -5.46 2.40
C LEU B 174 20.48 -4.58 2.71
N THR B 175 19.50 -5.14 3.43
CA THR B 175 18.30 -4.41 3.89
C THR B 175 18.10 -4.36 5.41
N SER B 176 18.58 -5.35 6.14
CA SER B 176 18.47 -5.35 7.59
C SER B 176 19.34 -4.32 8.20
N GLY B 177 18.79 -3.62 9.18
CA GLY B 177 19.54 -2.62 9.92
C GLY B 177 19.80 -1.32 9.14
N VAL B 178 19.10 -1.08 8.03
CA VAL B 178 19.28 0.14 7.21
C VAL B 178 18.34 1.20 7.74
N HIS B 179 18.87 2.38 8.07
CA HIS B 179 18.04 3.52 8.39
C HIS B 179 18.53 4.72 7.59
N THR B 180 17.73 5.15 6.63
CA THR B 180 18.01 6.37 5.91
C THR B 180 17.21 7.47 6.55
N PHE B 181 17.89 8.51 7.03
CA PHE B 181 17.25 9.60 7.74
C PHE B 181 16.65 10.65 6.82
N PRO B 182 15.49 11.20 7.19
CA PRO B 182 15.04 12.38 6.42
C PRO B 182 16.07 13.48 6.36
N ALA B 183 16.08 14.19 5.22
CA ALA B 183 17.01 15.25 4.99
C ALA B 183 16.82 16.51 5.84
N VAL B 184 17.92 17.19 6.11
CA VAL B 184 17.84 18.57 6.61
C VAL B 184 17.87 19.54 5.42
N LEU B 185 17.07 20.60 5.48
CA LEU B 185 17.16 21.72 4.54
C LEU B 185 17.98 22.81 5.15
N GLN B 186 19.15 23.04 4.59
CA GLN B 186 20.09 24.03 5.11
C GLN B 186 19.75 25.44 4.65
N SER B 187 20.34 26.42 5.33
CA SER B 187 20.11 27.83 4.99
C SER B 187 20.69 28.20 3.64
N SER B 188 21.57 27.37 3.09
CA SER B 188 21.96 27.45 1.69
C SER B 188 20.85 27.12 0.68
N GLY B 189 19.74 26.54 1.13
CA GLY B 189 18.72 26.02 0.24
C GLY B 189 19.01 24.62 -0.29
N LEU B 190 20.07 23.97 0.19
CA LEU B 190 20.40 22.63 -0.26
C LEU B 190 20.14 21.66 0.84
N TYR B 191 19.83 20.43 0.45
CA TYR B 191 19.53 19.38 1.40
C TYR B 191 20.78 18.52 1.73
N SER B 192 20.79 17.89 2.92
CA SER B 192 21.70 16.81 3.22
C SER B 192 20.95 15.75 3.95
N LEU B 193 21.31 14.49 3.71
CA LEU B 193 20.80 13.38 4.54
C LEU B 193 21.90 12.40 4.81
N SER B 194 21.64 11.44 5.70
CA SER B 194 22.55 10.34 5.94
C SER B 194 21.76 9.04 5.92
N SER B 195 22.41 7.99 5.47
CA SER B 195 21.93 6.62 5.62
C SER B 195 22.95 5.84 6.46
N VAL B 196 22.44 5.08 7.42
CA VAL B 196 23.31 4.25 8.24
C VAL B 196 22.83 2.83 8.21
N VAL B 197 23.78 1.93 8.32
CA VAL B 197 23.47 0.52 8.44
C VAL B 197 24.23 -0.04 9.63
N THR B 198 23.49 -0.86 10.37
CA THR B 198 23.99 -1.60 11.51
C THR B 198 24.33 -2.98 11.02
N VAL B 199 25.56 -3.38 11.25
CA VAL B 199 26.06 -4.68 10.75
C VAL B 199 26.90 -5.40 11.82
N PRO B 200 27.09 -6.73 11.66
CA PRO B 200 27.93 -7.48 12.59
C PRO B 200 29.34 -6.94 12.59
N SER B 201 29.89 -6.64 13.76
CA SER B 201 31.23 -6.04 13.88
C SER B 201 32.37 -6.90 13.34
N SER B 202 32.18 -8.22 13.44
CA SER B 202 33.15 -9.17 12.91
C SER B 202 33.22 -9.19 11.37
N SER B 203 32.16 -8.71 10.69
CA SER B 203 32.13 -8.63 9.23
C SER B 203 33.03 -7.50 8.68
N LEU B 204 33.40 -6.52 9.50
CA LEU B 204 34.10 -5.31 9.02
C LEU B 204 35.41 -5.54 8.26
N GLY B 205 36.16 -6.57 8.61
CA GLY B 205 37.37 -6.89 7.84
C GLY B 205 37.10 -7.49 6.47
N THR B 206 36.00 -8.23 6.34
CA THR B 206 35.79 -9.17 5.26
C THR B 206 34.67 -8.79 4.26
N GLN B 207 33.53 -8.30 4.77
CA GLN B 207 32.37 -7.91 3.92
C GLN B 207 32.54 -6.47 3.36
N THR B 208 32.30 -6.32 2.07
CA THR B 208 32.31 -4.98 1.44
C THR B 208 30.96 -4.33 1.64
N TYR B 209 30.97 -3.04 1.97
CA TYR B 209 29.73 -2.26 2.15
C TYR B 209 29.79 -1.09 1.21
N ILE B 210 28.79 -0.99 0.36
CA ILE B 210 28.69 0.08 -0.62
C ILE B 210 27.30 0.67 -0.50
N CYS B 211 27.22 1.98 -0.33
CA CYS B 211 25.93 2.66 -0.35
C CYS B 211 25.64 3.16 -1.77
N ASN B 212 24.44 2.87 -2.24
CA ASN B 212 24.00 3.22 -3.59
C ASN B 212 23.05 4.42 -3.47
N VAL B 213 23.59 5.58 -3.77
CA VAL B 213 22.88 6.83 -3.66
C VAL B 213 22.24 7.15 -5.02
N ASN B 214 20.96 7.47 -4.98
CA ASN B 214 20.20 7.80 -6.19
C ASN B 214 19.55 9.17 -6.04
N HIS B 215 20.02 10.13 -6.85
CA HIS B 215 19.40 11.46 -6.94
C HIS B 215 18.87 11.67 -8.35
N LYS B 216 17.66 11.18 -8.57
CA LYS B 216 17.10 11.21 -9.91
C LYS B 216 16.88 12.60 -10.50
N PRO B 217 16.53 13.59 -9.67
CA PRO B 217 16.36 14.92 -10.27
C PRO B 217 17.59 15.45 -10.97
N SER B 218 18.78 15.10 -10.50
CA SER B 218 19.99 15.48 -11.21
C SER B 218 20.57 14.39 -12.11
N ASN B 219 19.85 13.29 -12.27
CA ASN B 219 20.36 12.12 -12.93
C ASN B 219 21.75 11.67 -12.44
N THR B 220 21.92 11.67 -11.14
CA THR B 220 23.18 11.26 -10.53
C THR B 220 22.95 9.96 -9.72
N LYS B 221 23.84 8.98 -9.89
CA LYS B 221 23.94 7.84 -8.97
C LYS B 221 25.39 7.76 -8.48
N VAL B 222 25.58 7.51 -7.18
CA VAL B 222 26.93 7.33 -6.61
C VAL B 222 26.88 6.05 -5.81
N ASP B 223 27.86 5.17 -6.02
CA ASP B 223 28.04 3.95 -5.24
C ASP B 223 29.31 4.17 -4.50
N LYS B 224 29.22 4.37 -3.19
CA LYS B 224 30.35 4.74 -2.38
C LYS B 224 30.73 3.58 -1.46
N LYS B 225 31.97 3.13 -1.58
CA LYS B 225 32.49 2.07 -0.74
C LYS B 225 32.82 2.67 0.61
N VAL B 226 32.41 1.98 1.66
CA VAL B 226 32.58 2.49 3.03
C VAL B 226 33.44 1.45 3.77
N GLU B 227 34.63 1.87 4.10
CA GLU B 227 35.61 0.99 4.71
C GLU B 227 36.00 1.44 6.11
N PRO B 228 36.46 0.50 6.95
CA PRO B 228 37.07 0.91 8.23
C PRO B 228 38.22 1.89 8.00
N LYS B 229 38.38 2.89 8.85
CA LYS B 229 39.52 3.85 8.74
C LYS B 229 40.85 3.17 9.02
N SER B 230 41.94 3.84 8.65
CA SER B 230 43.32 3.30 8.82
C SER B 230 43.96 3.68 10.17
N CYS B 231 44.08 4.97 10.46
CA CYS B 231 44.69 5.48 11.72
C CYS B 231 46.11 4.96 11.95
N GLN C 1 -17.89 18.00 -4.51
CA GLN C 1 -16.73 18.47 -5.34
C GLN C 1 -16.10 19.77 -4.77
N SER C 2 -15.54 19.60 -3.57
CA SER C 2 -14.80 20.64 -2.90
C SER C 2 -14.32 19.65 -1.84
N VAL C 3 -13.14 19.82 -1.25
CA VAL C 3 -12.62 18.81 -0.32
C VAL C 3 -13.62 18.60 0.81
N LEU C 4 -13.88 17.35 1.11
CA LEU C 4 -14.79 16.98 2.17
C LEU C 4 -14.18 17.35 3.49
N THR C 5 -15.02 17.73 4.45
CA THR C 5 -14.52 18.20 5.72
C THR C 5 -14.34 17.16 6.82
N GLN C 6 -13.11 17.03 7.27
CA GLN C 6 -12.80 16.12 8.33
C GLN C 6 -12.13 16.85 9.50
N PRO C 7 -12.36 16.38 10.75
CA PRO C 7 -11.57 17.00 11.84
C PRO C 7 -10.05 16.88 11.55
N ALA C 8 -9.32 17.94 11.83
CA ALA C 8 -7.85 17.89 11.68
C ALA C 8 -7.20 16.75 12.44
N SER C 9 -7.66 16.49 13.66
CA SER C 9 -7.05 15.46 14.51
C SER C 9 -8.04 14.82 15.44
N VAL C 10 -7.78 13.56 15.75
CA VAL C 10 -8.46 12.79 16.77
C VAL C 10 -7.41 12.03 17.58
N SER C 11 -7.76 11.70 18.80
CA SER C 11 -6.88 10.97 19.68
C SER C 11 -7.72 10.07 20.53
N GLY C 12 -7.19 8.90 20.82
CA GLY C 12 -7.82 7.97 21.73
C GLY C 12 -6.76 7.14 22.40
N SER C 13 -7.17 6.39 23.43
CA SER C 13 -6.25 5.55 24.19
C SER C 13 -6.42 4.12 23.74
N PRO C 14 -5.37 3.30 23.90
CA PRO C 14 -5.47 1.93 23.43
C PRO C 14 -6.67 1.21 24.00
N GLY C 15 -7.32 0.39 23.19
CA GLY C 15 -8.56 -0.27 23.57
C GLY C 15 -9.80 0.57 23.37
N GLN C 16 -9.70 1.90 23.34
CA GLN C 16 -10.87 2.76 23.14
C GLN C 16 -11.39 2.70 21.70
N SER C 17 -12.57 3.28 21.50
CA SER C 17 -13.15 3.47 20.18
C SER C 17 -13.01 4.92 19.80
N ILE C 18 -12.66 5.20 18.55
CA ILE C 18 -12.72 6.57 18.05
C ILE C 18 -13.50 6.62 16.74
N THR C 19 -14.03 7.79 16.48
CA THR C 19 -14.76 8.06 15.27
C THR C 19 -14.22 9.31 14.57
N ILE C 20 -13.99 9.14 13.27
CA ILE C 20 -13.60 10.20 12.35
C ILE C 20 -14.76 10.52 11.42
N SER C 21 -15.18 11.78 11.42
CA SER C 21 -16.26 12.23 10.56
C SER C 21 -15.73 12.82 9.24
N CYS C 22 -16.62 12.84 8.26
CA CYS C 22 -16.34 13.27 6.93
C CYS C 22 -17.62 13.90 6.41
N THR C 23 -17.64 15.23 6.31
CA THR C 23 -18.84 15.92 5.94
C THR C 23 -18.64 16.53 4.58
N GLY C 24 -19.50 16.07 3.66
CA GLY C 24 -19.59 16.63 2.32
C GLY C 24 -20.94 17.34 2.10
N THR C 25 -21.50 17.16 0.93
CA THR C 25 -22.74 17.82 0.51
C THR C 25 -23.64 16.80 -0.13
N SER C 26 -24.84 17.24 -0.52
CA SER C 26 -25.76 16.40 -1.24
C SER C 26 -25.22 15.97 -2.63
N SER C 27 -24.21 16.66 -3.12
CA SER C 27 -23.60 16.32 -4.42
C SER C 27 -22.58 15.15 -4.29
N ASP C 28 -22.09 14.87 -3.10
CA ASP C 28 -21.15 13.78 -2.91
C ASP C 28 -21.42 12.70 -1.83
N VAL C 29 -20.99 12.96 -0.60
CA VAL C 29 -21.20 12.03 0.51
C VAL C 29 -22.70 11.80 0.70
N GLY C 30 -23.46 12.87 0.67
CA GLY C 30 -24.90 12.78 0.85
C GLY C 30 -25.65 12.32 -0.37
N GLY C 31 -24.98 12.34 -1.51
CA GLY C 31 -25.62 11.95 -2.77
C GLY C 31 -25.48 10.51 -3.19
N TYR C 32 -24.48 9.80 -2.66
CA TYR C 32 -24.15 8.45 -3.10
C TYR C 32 -23.63 7.65 -1.93
N ASN C 33 -23.68 6.34 -2.05
CA ASN C 33 -23.06 5.46 -1.07
C ASN C 33 -21.70 4.97 -1.54
N PHE C 34 -20.93 5.85 -2.18
CA PHE C 34 -19.63 5.43 -2.71
C PHE C 34 -18.54 6.16 -1.91
N VAL C 35 -18.60 6.03 -0.59
CA VAL C 35 -17.64 6.64 0.31
C VAL C 35 -16.62 5.58 0.70
N SER C 36 -15.35 5.91 0.49
CA SER C 36 -14.24 5.08 0.97
C SER C 36 -13.41 5.80 2.04
N TRP C 37 -12.63 5.02 2.79
CA TRP C 37 -11.67 5.54 3.73
C TRP C 37 -10.32 4.92 3.49
N TYR C 38 -9.29 5.75 3.49
CA TYR C 38 -7.92 5.30 3.27
C TYR C 38 -7.08 5.67 4.48
N GLN C 39 -6.15 4.77 4.80
CA GLN C 39 -5.18 4.95 5.86
C GLN C 39 -3.83 5.26 5.23
N GLN C 40 -3.11 6.19 5.80
CA GLN C 40 -1.79 6.49 5.29
C GLN C 40 -0.79 6.64 6.44
N HIS C 41 0.17 5.73 6.43
CA HIS C 41 1.32 5.80 7.32
C HIS C 41 2.42 6.67 6.68
N PRO C 42 3.29 7.24 7.52
CA PRO C 42 4.37 8.11 7.00
C PRO C 42 5.19 7.48 5.89
N GLY C 43 5.30 8.20 4.78
CA GLY C 43 6.12 7.76 3.66
C GLY C 43 5.54 6.63 2.82
N LYS C 44 4.26 6.26 3.03
CA LYS C 44 3.69 5.10 2.36
C LYS C 44 2.50 5.58 1.54
N ALA C 45 2.18 4.84 0.49
CA ALA C 45 0.96 5.08 -0.29
C ALA C 45 -0.24 4.85 0.61
N PRO C 46 -1.39 5.46 0.30
CA PRO C 46 -2.57 5.18 1.08
C PRO C 46 -3.01 3.72 0.89
N LYS C 47 -3.80 3.25 1.85
CA LYS C 47 -4.33 1.91 1.90
C LYS C 47 -5.82 1.92 2.24
N LEU C 48 -6.59 1.25 1.41
CA LEU C 48 -8.04 1.15 1.57
C LEU C 48 -8.42 0.43 2.85
N MET C 49 -9.18 1.10 3.69
CA MET C 49 -9.77 0.52 4.89
C MET C 49 -11.24 0.12 4.67
N ILE C 50 -12.02 1.01 4.04
CA ILE C 50 -13.48 0.85 3.95
C ILE C 50 -13.86 1.32 2.57
N TYR C 51 -14.75 0.60 1.90
CA TYR C 51 -15.39 1.09 0.66
C TYR C 51 -16.88 0.91 0.69
N GLU C 52 -17.56 1.63 -0.17
CA GLU C 52 -19.01 1.62 -0.17
C GLU C 52 -19.57 1.84 1.22
N VAL C 53 -19.09 2.84 1.93
CA VAL C 53 -19.55 3.22 3.26
C VAL C 53 -19.15 2.29 4.40
N SER C 54 -19.40 1.00 4.21
CA SER C 54 -19.16 0.04 5.27
C SER C 54 -18.47 -1.30 4.98
N ASP C 55 -18.13 -1.52 3.73
CA ASP C 55 -17.47 -2.79 3.40
C ASP C 55 -15.97 -2.70 3.63
N ARG C 56 -15.38 -3.81 4.08
CA ARG C 56 -13.93 -3.92 4.24
C ARG C 56 -13.34 -4.75 3.14
N PRO C 57 -12.17 -4.34 2.59
CA PRO C 57 -11.46 -5.27 1.73
C PRO C 57 -10.79 -6.34 2.58
N SER C 58 -10.43 -7.44 1.94
CA SER C 58 -9.82 -8.54 2.62
C SER C 58 -8.54 -8.05 3.26
N GLY C 59 -8.36 -8.41 4.53
CA GLY C 59 -7.14 -8.11 5.28
C GLY C 59 -7.34 -6.99 6.27
N VAL C 60 -8.44 -6.24 6.14
CA VAL C 60 -8.64 -5.15 7.05
C VAL C 60 -9.45 -5.72 8.22
N SER C 61 -8.94 -5.51 9.42
CA SER C 61 -9.58 -5.98 10.63
C SER C 61 -11.01 -5.44 10.80
N SER C 62 -11.86 -6.22 11.47
CA SER C 62 -13.24 -5.80 11.76
C SER C 62 -13.28 -4.71 12.82
N ARG C 63 -12.13 -4.35 13.38
CA ARG C 63 -12.02 -3.17 14.23
C ARG C 63 -12.39 -1.86 13.50
N PHE C 64 -12.24 -1.89 12.19
CA PHE C 64 -12.57 -0.78 11.30
C PHE C 64 -13.99 -0.94 10.79
N SER C 65 -14.83 0.06 11.02
CA SER C 65 -16.16 0.04 10.44
C SER C 65 -16.55 1.41 9.93
N GLY C 66 -17.52 1.43 9.03
CA GLY C 66 -18.00 2.71 8.51
C GLY C 66 -19.49 2.81 8.45
N SER C 67 -19.97 4.03 8.53
CA SER C 67 -21.39 4.35 8.49
C SER C 67 -21.59 5.70 7.83
N LYS C 68 -22.84 6.06 7.59
CA LYS C 68 -23.14 7.36 7.00
C LYS C 68 -24.55 7.80 7.34
N SER C 69 -24.72 9.09 7.54
CA SER C 69 -26.00 9.69 7.84
C SER C 69 -26.05 11.05 7.22
N GLY C 70 -26.93 11.24 6.25
CA GLY C 70 -27.05 12.54 5.59
C GLY C 70 -25.76 12.83 4.85
N ASN C 71 -25.19 14.01 5.10
CA ASN C 71 -23.99 14.44 4.40
C ASN C 71 -22.73 14.02 5.12
N THR C 72 -22.84 13.21 6.17
CA THR C 72 -21.69 12.90 7.00
C THR C 72 -21.42 11.41 7.05
N ALA C 73 -20.23 11.02 6.62
CA ALA C 73 -19.77 9.64 6.78
C ALA C 73 -18.83 9.57 7.97
N SER C 74 -18.78 8.39 8.57
CA SER C 74 -18.01 8.17 9.80
C SER C 74 -17.22 6.91 9.72
N LEU C 75 -15.93 7.00 10.05
CA LEU C 75 -15.08 5.86 10.24
C LEU C 75 -14.94 5.61 11.74
N THR C 76 -15.17 4.38 12.17
CA THR C 76 -15.00 4.03 13.59
C THR C 76 -13.93 2.98 13.75
N ILE C 77 -13.03 3.18 14.70
CA ILE C 77 -11.96 2.24 14.96
C ILE C 77 -12.15 1.84 16.40
N SER C 78 -12.44 0.57 16.59
CA SER C 78 -12.64 0.04 17.94
C SER C 78 -11.34 -0.65 18.38
N GLY C 79 -11.15 -0.82 19.68
CA GLY C 79 -9.99 -1.61 20.16
C GLY C 79 -8.71 -0.97 19.64
N LEU C 80 -8.60 0.33 19.87
CA LEU C 80 -7.59 1.17 19.22
C LEU C 80 -6.21 0.66 19.60
N GLN C 81 -5.34 0.56 18.61
CA GLN C 81 -3.97 0.07 18.81
C GLN C 81 -2.96 1.08 18.31
N ALA C 82 -1.71 0.92 18.76
CA ALA C 82 -0.61 1.80 18.38
C ALA C 82 -0.45 1.86 16.87
N GLU C 83 -0.58 0.72 16.20
CA GLU C 83 -0.40 0.62 14.75
C GLU C 83 -1.47 1.40 13.92
N ASP C 84 -2.60 1.72 14.53
CA ASP C 84 -3.64 2.56 13.90
C ASP C 84 -3.22 4.03 13.77
N GLU C 85 -2.13 4.43 14.44
CA GLU C 85 -1.67 5.81 14.38
C GLU C 85 -1.26 6.11 12.93
N ALA C 86 -1.94 7.07 12.30
CA ALA C 86 -1.85 7.30 10.87
C ALA C 86 -2.73 8.46 10.49
N ASP C 87 -2.67 8.87 9.24
CA ASP C 87 -3.65 9.80 8.71
C ASP C 87 -4.77 9.01 8.00
N TYR C 88 -5.99 9.49 8.11
CA TYR C 88 -7.16 8.87 7.46
C TYR C 88 -7.85 9.87 6.55
N TYR C 89 -8.20 9.41 5.34
CA TYR C 89 -8.82 10.25 4.34
C TYR C 89 -10.12 9.59 3.91
N CYS C 90 -11.21 10.35 3.93
CA CYS C 90 -12.42 9.90 3.22
C CYS C 90 -12.35 10.27 1.73
N PHE C 91 -13.15 9.58 0.93
CA PHE C 91 -13.07 9.67 -0.54
C PHE C 91 -14.49 9.40 -1.03
N SER C 92 -14.99 10.27 -1.91
CA SER C 92 -16.35 10.12 -2.41
C SER C 92 -16.49 10.42 -3.91
N TYR C 93 -17.42 9.72 -4.53
CA TYR C 93 -17.92 10.06 -5.85
C TYR C 93 -18.67 11.38 -5.77
N THR C 94 -18.78 12.07 -6.89
CA THR C 94 -19.52 13.36 -6.93
C THR C 94 -20.47 13.37 -8.14
N THR C 95 -21.41 14.30 -8.11
CA THR C 95 -22.35 14.43 -9.23
C THR C 95 -21.66 14.90 -10.49
N SER C 96 -20.49 15.55 -10.36
CA SER C 96 -19.67 15.87 -11.54
C SER C 96 -19.05 14.65 -12.28
N THR C 97 -19.27 13.44 -11.75
CA THR C 97 -18.66 12.17 -12.19
C THR C 97 -17.18 12.03 -11.74
N THR C 98 -16.71 12.99 -10.95
CA THR C 98 -15.34 12.97 -10.43
C THR C 98 -15.33 12.37 -9.02
N TRP C 99 -14.14 12.21 -8.47
CA TRP C 99 -13.92 11.73 -7.13
C TRP C 99 -13.21 12.79 -6.32
N VAL C 100 -13.46 12.83 -5.02
CA VAL C 100 -12.85 13.85 -4.17
C VAL C 100 -12.48 13.27 -2.81
N PHE C 101 -11.28 13.65 -2.34
CA PHE C 101 -10.82 13.30 -1.02
C PHE C 101 -11.24 14.34 0.02
N GLY C 102 -11.44 13.88 1.26
CA GLY C 102 -11.46 14.77 2.41
C GLY C 102 -10.09 15.30 2.71
N GLY C 103 -10.06 16.29 3.61
CA GLY C 103 -8.82 16.94 3.98
C GLY C 103 -7.86 16.12 4.81
N GLY C 104 -8.36 15.02 5.40
CA GLY C 104 -7.55 14.14 6.19
C GLY C 104 -7.62 14.43 7.70
N THR C 105 -7.37 13.40 8.47
CA THR C 105 -7.44 13.45 9.94
C THR C 105 -6.22 12.70 10.44
N LYS C 106 -5.42 13.37 11.27
CA LYS C 106 -4.32 12.70 11.96
C LYS C 106 -4.84 12.05 13.24
N LEU C 107 -4.64 10.76 13.34
CA LEU C 107 -5.04 9.99 14.48
C LEU C 107 -3.81 9.76 15.39
N THR C 108 -3.91 10.21 16.65
CA THR C 108 -2.89 9.94 17.69
C THR C 108 -3.41 8.89 18.68
N VAL C 109 -2.63 7.85 18.92
CA VAL C 109 -2.88 6.89 20.01
C VAL C 109 -2.13 7.35 21.26
N LEU C 110 -2.91 7.78 22.26
CA LEU C 110 -2.37 8.29 23.52
C LEU C 110 -1.75 7.19 24.39
N GLY C 111 -1.07 7.64 25.44
CA GLY C 111 -0.50 6.76 26.45
C GLY C 111 0.60 5.84 25.96
N GLN C 112 1.21 6.14 24.82
CA GLN C 112 2.29 5.30 24.35
C GLN C 112 3.53 5.54 25.25
N PRO C 113 4.32 4.49 25.44
CA PRO C 113 5.46 4.57 26.38
C PRO C 113 6.62 5.50 25.91
N LYS C 114 7.11 6.32 26.84
CA LYS C 114 8.33 7.09 26.65
C LYS C 114 9.46 6.14 26.21
N ALA C 115 10.25 6.56 25.22
CA ALA C 115 11.40 5.77 24.74
C ALA C 115 12.59 6.72 24.49
N ALA C 116 13.76 6.35 25.01
CA ALA C 116 14.93 7.22 24.97
C ALA C 116 15.61 7.14 23.58
N PRO C 117 16.20 8.23 23.13
CA PRO C 117 16.89 8.19 21.83
C PRO C 117 18.17 7.39 21.81
N SER C 118 18.39 6.72 20.70
CA SER C 118 19.69 6.17 20.36
C SER C 118 20.42 7.25 19.54
N VAL C 119 21.68 7.50 19.88
CA VAL C 119 22.42 8.58 19.26
C VAL C 119 23.73 8.03 18.68
N THR C 120 23.97 8.28 17.41
CA THR C 120 25.22 7.99 16.78
C THR C 120 25.85 9.26 16.23
N LEU C 121 27.12 9.50 16.53
CA LEU C 121 27.83 10.68 16.08
C LEU C 121 29.00 10.24 15.24
N PHE C 122 29.06 10.76 14.01
CA PHE C 122 30.18 10.50 13.13
C PHE C 122 31.02 11.77 12.94
N PRO C 123 32.35 11.60 13.01
CA PRO C 123 33.21 12.74 12.74
C PRO C 123 33.32 12.96 11.19
N PRO C 124 33.88 14.08 10.78
CA PRO C 124 34.15 14.29 9.36
C PRO C 124 35.01 13.17 8.73
N SER C 125 34.67 12.74 7.51
CA SER C 125 35.48 11.78 6.79
C SER C 125 36.80 12.41 6.33
N SER C 126 37.80 11.56 6.13
CA SER C 126 39.09 11.98 5.51
C SER C 126 38.83 12.65 4.16
N GLU C 127 37.95 12.02 3.40
CA GLU C 127 37.60 12.49 2.07
C GLU C 127 37.05 13.90 2.09
N GLU C 128 36.14 14.19 3.04
CA GLU C 128 35.59 15.50 3.12
C GLU C 128 36.62 16.55 3.55
N LEU C 129 37.46 16.19 4.51
CA LEU C 129 38.48 17.08 5.00
C LEU C 129 39.46 17.45 3.87
N GLN C 130 39.79 16.48 3.06
CA GLN C 130 40.66 16.68 1.89
C GLN C 130 40.02 17.61 0.88
N ALA C 131 38.68 17.64 0.87
CA ALA C 131 37.93 18.63 0.10
C ALA C 131 37.78 19.97 0.79
N ASN C 132 38.49 20.19 1.90
CA ASN C 132 38.42 21.42 2.68
C ASN C 132 37.05 21.76 3.31
N LYS C 133 36.31 20.74 3.69
CA LYS C 133 35.06 20.89 4.44
C LYS C 133 35.04 19.87 5.58
N ALA C 134 34.11 20.08 6.51
CA ALA C 134 33.95 19.17 7.63
C ALA C 134 32.52 19.23 8.14
N THR C 135 31.91 18.06 8.28
CA THR C 135 30.57 17.92 8.79
C THR C 135 30.56 16.83 9.85
N LEU C 136 30.07 17.20 11.04
CA LEU C 136 29.77 16.24 12.08
C LEU C 136 28.28 15.85 11.92
N VAL C 137 28.00 14.56 12.00
CA VAL C 137 26.69 14.02 11.74
C VAL C 137 26.16 13.33 12.99
N CYS C 138 25.10 13.86 13.57
CA CYS C 138 24.49 13.31 14.77
C CYS C 138 23.12 12.76 14.41
N LEU C 139 22.97 11.43 14.50
CA LEU C 139 21.80 10.68 14.08
C LEU C 139 21.08 10.17 15.34
N ILE C 140 19.78 10.47 15.41
CA ILE C 140 19.00 10.35 16.65
C ILE C 140 17.76 9.53 16.31
N SER C 141 17.60 8.37 16.92
CA SER C 141 16.47 7.52 16.56
C SER C 141 15.74 6.83 17.72
N ASP C 142 14.57 6.28 17.40
CA ASP C 142 13.79 5.47 18.32
C ASP C 142 13.39 6.19 19.59
N PHE C 143 13.10 7.47 19.51
CA PHE C 143 12.60 8.17 20.66
C PHE C 143 11.09 8.41 20.59
N TYR C 144 10.50 8.49 21.77
CA TYR C 144 9.04 8.78 21.92
C TYR C 144 8.84 9.46 23.26
N PRO C 145 8.15 10.59 23.33
CA PRO C 145 7.47 11.29 22.22
C PRO C 145 8.45 12.14 21.33
N GLY C 146 7.92 12.84 20.32
CA GLY C 146 8.74 13.32 19.20
C GLY C 146 9.24 14.71 19.36
N ALA C 147 9.94 14.95 20.43
CA ALA C 147 10.44 16.27 20.73
C ALA C 147 11.80 16.06 21.38
N VAL C 148 12.84 16.66 20.82
CA VAL C 148 14.17 16.57 21.39
C VAL C 148 14.76 17.93 21.31
N THR C 149 15.73 18.18 22.16
CA THR C 149 16.57 19.33 22.06
C THR C 149 17.98 18.83 21.74
N VAL C 150 18.62 19.44 20.74
CA VAL C 150 19.97 19.06 20.37
C VAL C 150 20.91 20.22 20.61
N ALA C 151 21.98 19.99 21.37
CA ALA C 151 22.99 21.02 21.57
C ALA C 151 24.31 20.45 21.15
N TRP C 152 25.15 21.31 20.60
CA TRP C 152 26.48 20.94 20.27
C TRP C 152 27.46 21.67 21.16
N LYS C 153 28.61 21.03 21.35
CA LYS C 153 29.71 21.61 22.08
C LYS C 153 31.00 21.44 21.32
N ALA C 154 31.88 22.46 21.41
CA ALA C 154 33.26 22.34 20.98
C ALA C 154 34.06 22.31 22.28
N ASP C 155 34.78 21.23 22.52
CA ASP C 155 35.33 20.95 23.84
C ASP C 155 34.15 20.99 24.82
N SER C 156 34.08 21.99 25.70
CA SER C 156 32.98 22.08 26.67
C SER C 156 32.06 23.26 26.42
N SER C 157 32.31 24.02 25.35
CA SER C 157 31.58 25.26 25.13
C SER C 157 30.47 25.07 24.08
N PRO C 158 29.27 25.63 24.30
CA PRO C 158 28.19 25.58 23.30
C PRO C 158 28.61 26.13 21.94
N VAL C 159 28.23 25.44 20.87
CA VAL C 159 28.42 25.93 19.51
C VAL C 159 27.02 26.11 18.98
N LYS C 160 26.71 27.29 18.46
CA LYS C 160 25.41 27.55 17.80
C LYS C 160 25.54 27.64 16.27
N ALA C 161 26.62 28.28 15.84
CA ALA C 161 26.86 28.52 14.44
C ALA C 161 27.15 27.23 13.71
N GLY C 162 26.62 27.09 12.52
CA GLY C 162 26.94 25.95 11.64
C GLY C 162 26.08 24.72 11.97
N VAL C 163 25.08 24.90 12.83
CA VAL C 163 24.20 23.81 13.27
C VAL C 163 22.93 23.77 12.44
N GLU C 164 22.60 22.60 11.90
CA GLU C 164 21.31 22.38 11.24
C GLU C 164 20.68 21.10 11.78
N THR C 165 19.45 21.22 12.27
CA THR C 165 18.73 20.12 12.93
C THR C 165 17.35 19.90 12.34
N THR C 166 17.02 18.65 12.05
CA THR C 166 15.72 18.34 11.49
C THR C 166 14.64 18.39 12.55
N THR C 167 13.41 18.59 12.10
CA THR C 167 12.25 18.30 12.92
C THR C 167 12.19 16.77 13.07
N PRO C 168 11.67 16.27 14.20
CA PRO C 168 11.51 14.84 14.29
C PRO C 168 10.51 14.26 13.29
N SER C 169 10.80 13.10 12.75
CA SER C 169 9.91 12.49 11.78
C SER C 169 9.50 11.15 12.33
N LYS C 170 8.24 10.79 12.07
CA LYS C 170 7.71 9.56 12.60
C LYS C 170 8.24 8.39 11.83
N GLN C 171 8.77 7.41 12.56
CA GLN C 171 9.26 6.17 12.01
C GLN C 171 8.05 5.22 11.89
N SER C 172 8.28 4.07 11.27
CA SER C 172 7.23 3.06 11.09
C SER C 172 6.78 2.43 12.41
N ASN C 173 7.67 2.36 13.39
CA ASN C 173 7.35 1.78 14.70
C ASN C 173 6.72 2.80 15.66
N ASN C 174 6.17 3.89 15.12
CA ASN C 174 5.63 5.00 15.88
C ASN C 174 6.62 5.88 16.64
N LYS C 175 7.87 5.46 16.73
CA LYS C 175 8.88 6.32 17.36
C LYS C 175 9.38 7.37 16.35
N TYR C 176 10.30 8.24 16.79
CA TYR C 176 10.74 9.37 16.00
C TYR C 176 12.23 9.27 15.70
N ALA C 177 12.62 9.91 14.62
CA ALA C 177 14.02 10.11 14.24
C ALA C 177 14.28 11.57 13.93
N ALA C 178 15.52 11.98 14.09
CA ALA C 178 15.97 13.31 13.77
C ALA C 178 17.49 13.25 13.52
N SER C 179 18.02 14.29 12.91
CA SER C 179 19.44 14.40 12.77
C SER C 179 19.87 15.83 12.88
N SER C 180 21.13 16.00 13.25
CA SER C 180 21.69 17.29 13.38
C SER C 180 23.07 17.24 12.79
N TYR C 181 23.41 18.30 12.08
CA TYR C 181 24.68 18.43 11.37
C TYR C 181 25.39 19.67 11.84
N LEU C 182 26.67 19.55 12.12
CA LEU C 182 27.50 20.70 12.48
C LEU C 182 28.54 20.86 11.38
N SER C 183 28.52 22.01 10.73
CA SER C 183 29.52 22.32 9.66
C SER C 183 30.65 23.11 10.23
N LEU C 184 31.86 22.67 9.97
CA LEU C 184 33.08 23.29 10.50
C LEU C 184 34.04 23.46 9.36
N THR C 185 35.02 24.30 9.55
CA THR C 185 36.20 24.23 8.69
C THR C 185 37.07 23.11 9.20
N PRO C 186 37.89 22.49 8.31
CA PRO C 186 38.88 21.56 8.82
C PRO C 186 39.77 22.12 9.94
N GLU C 187 40.12 23.41 9.91
CA GLU C 187 40.93 24.05 10.98
C GLU C 187 40.25 23.94 12.33
N GLN C 188 38.98 24.36 12.38
CA GLN C 188 38.13 24.27 13.57
C GLN C 188 38.07 22.87 14.12
N TRP C 189 37.78 21.92 13.25
CA TRP C 189 37.76 20.52 13.63
C TRP C 189 39.06 20.08 14.27
N LYS C 190 40.17 20.45 13.63
CA LYS C 190 41.49 20.02 14.08
C LYS C 190 42.00 20.77 15.30
N SER C 191 41.49 21.96 15.55
CA SER C 191 41.99 22.82 16.61
C SER C 191 41.32 22.62 17.97
N HIS C 192 40.32 21.71 18.09
CA HIS C 192 39.71 21.43 19.39
C HIS C 192 40.04 20.03 19.84
N ARG C 193 39.94 19.76 21.15
CA ARG C 193 40.15 18.42 21.69
C ARG C 193 39.02 17.50 21.25
N SER C 194 37.80 18.02 21.20
CA SER C 194 36.64 17.22 20.82
C SER C 194 35.44 18.11 20.50
N TYR C 195 34.41 17.49 19.88
CA TYR C 195 33.07 18.05 19.75
C TYR C 195 32.04 17.03 20.24
N SER C 196 30.91 17.54 20.71
CA SER C 196 29.86 16.69 21.25
C SER C 196 28.48 17.10 20.72
N CYS C 197 27.67 16.08 20.51
CA CYS C 197 26.27 16.22 20.24
C CYS C 197 25.50 15.74 21.45
N GLN C 198 24.75 16.63 22.07
CA GLN C 198 24.04 16.38 23.28
C GLN C 198 22.55 16.43 23.03
N VAL C 199 21.88 15.31 23.25
CA VAL C 199 20.47 15.20 22.95
C VAL C 199 19.66 15.06 24.25
N THR C 200 18.70 15.95 24.45
CA THR C 200 17.87 15.97 25.63
C THR C 200 16.47 15.60 25.18
N HIS C 201 15.93 14.65 25.90
CA HIS C 201 14.65 14.05 25.61
C HIS C 201 13.98 13.73 26.94
N GLU C 202 12.82 14.34 27.16
CA GLU C 202 12.06 14.18 28.42
C GLU C 202 12.98 14.33 29.65
N GLY C 203 13.75 15.39 29.70
CA GLY C 203 14.60 15.71 30.84
C GLY C 203 15.88 14.86 31.02
N SER C 204 16.06 13.81 30.20
CA SER C 204 17.29 12.95 30.24
C SER C 204 18.11 13.16 28.99
N THR C 205 19.43 12.98 29.09
CA THR C 205 20.33 13.44 28.06
C THR C 205 21.26 12.32 27.65
N VAL C 206 21.50 12.23 26.35
CA VAL C 206 22.48 11.31 25.81
C VAL C 206 23.46 12.17 25.00
N GLU C 207 24.74 12.04 25.31
CA GLU C 207 25.77 12.84 24.67
C GLU C 207 26.86 11.94 24.13
N LYS C 208 27.18 12.19 22.85
CA LYS C 208 28.26 11.52 22.18
C LYS C 208 29.31 12.53 21.82
N THR C 209 30.55 12.08 21.84
CA THR C 209 31.68 12.90 21.62
C THR C 209 32.61 12.26 20.58
N VAL C 210 33.20 13.11 19.72
CA VAL C 210 34.21 12.69 18.74
C VAL C 210 35.36 13.64 18.79
N ALA C 211 36.55 13.14 18.39
CA ALA C 211 37.77 13.94 18.45
C ALA C 211 38.59 13.70 17.18
N PRO C 212 39.37 14.70 16.76
CA PRO C 212 40.19 14.53 15.53
C PRO C 212 41.23 13.44 15.66
N THR C 213 41.52 12.78 14.53
CA THR C 213 42.61 11.80 14.40
C THR C 213 43.58 12.24 13.30
C1 NAG D . -34.87 -22.85 -4.11
C2 NAG D . -35.61 -21.90 -5.01
C3 NAG D . -36.24 -20.73 -4.25
C4 NAG D . -36.70 -21.06 -2.82
C5 NAG D . -35.65 -21.93 -2.10
C6 NAG D . -36.01 -22.27 -0.66
C7 NAG D . -34.27 -21.96 -7.08
C8 NAG D . -33.11 -21.31 -7.80
N2 NAG D . -34.54 -21.43 -5.90
O3 NAG D . -37.38 -20.30 -4.98
O4 NAG D . -37.00 -19.84 -2.10
O5 NAG D . -35.51 -23.15 -2.88
O6 NAG D . -35.24 -23.43 -0.28
O7 NAG D . -34.91 -22.89 -7.58
C1 GOL E . -14.88 -6.35 -7.26
O1 GOL E . -13.70 -5.96 -7.90
C2 GOL E . -14.97 -6.03 -5.78
O2 GOL E . -15.57 -7.21 -5.32
C3 GOL E . -15.92 -4.88 -5.44
O3 GOL E . -15.77 -3.80 -6.37
C1 GOL F . -18.96 -32.70 -0.48
O1 GOL F . -18.77 -33.91 0.28
C2 GOL F . -18.67 -31.54 0.45
O2 GOL F . -19.69 -31.52 1.48
C3 GOL F . -17.30 -31.68 1.04
O3 GOL F . -16.26 -31.67 0.07
C1 GOL G . 33.19 16.12 26.22
O1 GOL G . 33.34 14.99 27.07
C2 GOL G . 32.09 17.04 26.76
O2 GOL G . 31.12 16.34 27.55
C3 GOL G . 32.69 18.13 27.62
O3 GOL G . 31.64 19.06 27.93
#